data_3QQU
#
_entry.id   3QQU
#
_cell.length_a   63.792
_cell.length_b   90.931
_cell.length_c   96.966
_cell.angle_alpha   65.37
_cell.angle_beta   89.42
_cell.angle_gamma   84.67
#
_symmetry.space_group_name_H-M   'P 1'
#
loop_
_entity.id
_entity.type
_entity.pdbx_description
1 polymer 'Insulin-like growth factor 1 receptor'
2 non-polymer N~2~-[3-methoxy-4-(morpholin-4-yl)phenyl]-N~4~-(quinolin-3-yl)pyrimidine-2,4-diamine
3 water water
#
_entity_poly.entity_id   1
_entity_poly.type   'polypeptide(L)'
_entity_poly.pdbx_seq_one_letter_code
;GSVPDEWEVAREKITMSRELGQGSFGMVYEGVAKGVVKDEPETRVAIKTVNEAASMRERIEFLNEASVMKEFNCHHVVRL
LGVVSQGQPTLVIMELMTRGDLKSYLRSLRPEMENNPVLAPPSLSKMIQMAGEIADGMAYLNANKFVHRDLAARNCMVAE
DFTVKIGDFGMTRDIYETDYYRKGGKGLLPVRWMSPESLKDGVFTTYSDVWSFGVVLWEIATLAEQPYQGLSNEQVLRFV
MEGGLLDKPDNCPDMLFELMRMCWQYNPKMRPSFLEIISSIKEEMEPGFREVSFYYSEENK
;
_entity_poly.pdbx_strand_id   A,B,C,D
#
# COMPACT_ATOMS: atom_id res chain seq x y z
N GLU A 6 29.06 -66.10 -17.02
CA GLU A 6 28.58 -66.91 -15.90
C GLU A 6 27.81 -68.14 -16.35
N TRP A 7 27.97 -68.45 -17.63
CA TRP A 7 27.37 -69.62 -18.24
C TRP A 7 28.58 -70.46 -18.52
N GLU A 8 29.70 -69.99 -17.97
CA GLU A 8 31.01 -70.60 -18.13
C GLU A 8 31.18 -71.86 -17.30
N VAL A 9 31.69 -72.90 -17.92
CA VAL A 9 31.87 -74.17 -17.24
C VAL A 9 33.30 -74.67 -17.39
N ALA A 10 33.82 -75.28 -16.33
CA ALA A 10 35.17 -75.80 -16.34
C ALA A 10 35.21 -77.10 -17.12
N ARG A 11 36.16 -77.22 -18.04
CA ARG A 11 36.26 -78.44 -18.84
C ARG A 11 36.30 -79.66 -17.93
N GLU A 12 36.77 -79.46 -16.71
CA GLU A 12 36.85 -80.56 -15.74
C GLU A 12 35.46 -81.19 -15.64
N LYS A 13 34.45 -80.34 -15.56
CA LYS A 13 33.06 -80.76 -15.40
C LYS A 13 32.41 -81.37 -16.63
N ILE A 14 33.12 -81.46 -17.75
CA ILE A 14 32.49 -82.04 -18.93
C ILE A 14 33.25 -83.18 -19.53
N THR A 15 32.56 -84.30 -19.74
CA THR A 15 33.17 -85.51 -20.25
C THR A 15 33.22 -85.80 -21.74
N MET A 16 32.06 -85.92 -22.40
CA MET A 16 32.02 -86.24 -23.84
C MET A 16 32.13 -87.75 -23.90
N SER A 17 31.19 -88.41 -24.56
CA SER A 17 31.18 -89.85 -24.57
C SER A 17 30.93 -90.58 -25.85
N ARG A 18 30.79 -89.86 -26.96
CA ARG A 18 30.53 -90.48 -28.26
C ARG A 18 29.96 -89.40 -29.15
N GLU A 19 30.41 -89.41 -30.41
CA GLU A 19 29.99 -88.47 -31.42
C GLU A 19 28.53 -88.71 -31.78
N LEU A 20 27.77 -87.63 -31.99
CA LEU A 20 26.38 -87.79 -32.39
C LEU A 20 26.37 -87.64 -33.90
N GLY A 21 27.05 -86.59 -34.35
CA GLY A 21 27.15 -86.30 -35.76
C GLY A 21 27.90 -84.99 -35.96
N GLN A 22 27.93 -84.51 -37.20
CA GLN A 22 28.62 -83.26 -37.50
C GLN A 22 27.66 -82.11 -37.62
N GLY A 23 27.95 -81.03 -36.91
CA GLY A 23 27.07 -79.87 -36.96
C GLY A 23 27.54 -78.71 -37.80
N SER A 24 26.67 -77.76 -38.07
CA SER A 24 27.06 -76.62 -38.86
C SER A 24 28.46 -76.13 -38.47
N PHE A 25 28.71 -75.91 -37.19
CA PHE A 25 30.02 -75.42 -36.77
C PHE A 25 31.07 -76.45 -36.38
N GLY A 26 30.72 -77.74 -36.47
CA GLY A 26 31.66 -78.79 -36.08
C GLY A 26 30.94 -79.97 -35.46
N MET A 27 31.71 -80.99 -35.08
CA MET A 27 31.21 -82.24 -34.48
C MET A 27 30.40 -81.97 -33.20
N VAL A 28 29.25 -82.64 -33.07
CA VAL A 28 28.46 -82.46 -31.86
C VAL A 28 28.42 -83.78 -31.14
N TYR A 29 28.80 -83.76 -29.86
CA TYR A 29 28.85 -84.98 -29.09
C TYR A 29 27.76 -85.18 -28.04
N GLU A 30 27.69 -86.41 -27.56
CA GLU A 30 26.77 -86.82 -26.50
C GLU A 30 27.68 -86.99 -25.28
N GLY A 31 27.34 -86.33 -24.18
CA GLY A 31 28.18 -86.42 -22.99
C GLY A 31 27.49 -86.21 -21.65
N VAL A 32 28.27 -85.74 -20.68
CA VAL A 32 27.79 -85.51 -19.31
C VAL A 32 28.40 -84.25 -18.68
N ALA A 33 27.68 -83.59 -17.76
CA ALA A 33 28.18 -82.36 -17.15
C ALA A 33 27.98 -82.42 -15.64
N LYS A 34 28.84 -81.75 -14.91
CA LYS A 34 28.65 -81.85 -13.48
C LYS A 34 28.35 -80.63 -12.69
N GLY A 35 27.44 -79.81 -13.14
CA GLY A 35 27.26 -78.61 -12.33
C GLY A 35 26.56 -77.75 -13.28
N VAL A 36 25.48 -78.31 -13.83
CA VAL A 36 24.74 -77.62 -14.83
C VAL A 36 23.25 -77.52 -14.65
N VAL A 37 22.69 -78.17 -13.63
CA VAL A 37 21.21 -78.13 -13.40
C VAL A 37 20.97 -77.88 -11.88
N LYS A 38 19.71 -77.74 -11.46
CA LYS A 38 19.43 -77.52 -10.04
C LYS A 38 19.27 -78.87 -9.38
N ASP A 39 20.05 -79.07 -8.32
CA ASP A 39 20.01 -80.31 -7.57
C ASP A 39 20.12 -81.49 -8.54
N GLU A 40 21.26 -81.58 -9.22
CA GLU A 40 21.50 -82.67 -10.17
C GLU A 40 23.01 -82.77 -10.41
N PRO A 41 23.66 -83.76 -9.76
CA PRO A 41 25.11 -84.02 -9.86
C PRO A 41 25.61 -84.02 -11.31
N GLU A 42 25.32 -85.10 -12.03
CA GLU A 42 25.69 -85.19 -13.43
C GLU A 42 24.42 -84.98 -14.24
N THR A 43 24.56 -84.70 -15.53
CA THR A 43 23.41 -84.45 -16.41
C THR A 43 23.77 -84.78 -17.84
N ARG A 44 23.02 -85.64 -18.50
CA ARG A 44 23.37 -85.94 -19.88
C ARG A 44 23.29 -84.66 -20.72
N VAL A 45 24.33 -84.38 -21.48
CA VAL A 45 24.35 -83.18 -22.30
C VAL A 45 24.83 -83.41 -23.73
N ALA A 46 24.52 -82.46 -24.60
CA ALA A 46 24.95 -82.54 -25.99
C ALA A 46 26.04 -81.50 -26.12
N ILE A 47 27.21 -81.93 -26.57
CA ILE A 47 28.32 -81.01 -26.69
C ILE A 47 28.59 -80.60 -28.13
N LYS A 48 28.67 -79.29 -28.34
CA LYS A 48 28.91 -78.74 -29.66
C LYS A 48 30.26 -78.04 -29.74
N THR A 49 31.14 -78.61 -30.57
CA THR A 49 32.48 -78.09 -30.78
C THR A 49 32.55 -77.31 -32.10
N VAL A 50 33.69 -76.68 -32.35
CA VAL A 50 33.90 -75.96 -33.59
C VAL A 50 35.06 -76.66 -34.30
N ASN A 51 34.97 -76.81 -35.63
CA ASN A 51 36.05 -77.44 -36.41
C ASN A 51 37.35 -76.69 -36.12
N GLU A 52 38.48 -77.40 -36.14
CA GLU A 52 39.79 -76.79 -35.88
C GLU A 52 40.22 -75.93 -37.08
N ALA A 53 39.61 -76.20 -38.23
CA ALA A 53 39.91 -75.47 -39.45
C ALA A 53 39.21 -74.13 -39.47
N ALA A 54 38.09 -74.06 -38.78
CA ALA A 54 37.27 -72.85 -38.74
C ALA A 54 38.02 -71.55 -38.65
N SER A 55 37.48 -70.55 -39.33
CA SER A 55 38.04 -69.21 -39.36
C SER A 55 37.76 -68.51 -38.05
N MET A 56 38.53 -67.47 -37.78
CA MET A 56 38.33 -66.73 -36.55
C MET A 56 36.96 -66.07 -36.58
N ARG A 57 36.26 -66.19 -37.71
CA ARG A 57 34.93 -65.59 -37.86
C ARG A 57 33.88 -66.65 -37.55
N GLU A 58 34.26 -67.91 -37.69
CA GLU A 58 33.33 -68.99 -37.41
C GLU A 58 33.27 -69.25 -35.90
N ARG A 59 34.36 -68.91 -35.21
CA ARG A 59 34.43 -69.08 -33.78
C ARG A 59 33.72 -67.93 -33.09
N ILE A 60 33.31 -66.95 -33.89
CA ILE A 60 32.59 -65.78 -33.39
C ILE A 60 31.13 -65.88 -33.84
N GLU A 61 30.83 -66.83 -34.72
CA GLU A 61 29.47 -67.04 -35.16
C GLU A 61 28.94 -68.10 -34.21
N PHE A 62 29.81 -69.05 -33.88
CA PHE A 62 29.51 -70.13 -32.96
C PHE A 62 29.21 -69.51 -31.62
N LEU A 63 30.20 -68.84 -31.06
CA LEU A 63 30.02 -68.21 -29.78
C LEU A 63 28.86 -67.22 -29.77
N ASN A 64 28.34 -66.81 -30.93
CA ASN A 64 27.22 -65.85 -30.94
C ASN A 64 25.85 -66.53 -31.06
N GLU A 65 25.85 -67.70 -31.66
CA GLU A 65 24.64 -68.45 -31.83
C GLU A 65 24.26 -68.97 -30.45
N ALA A 66 25.26 -69.13 -29.61
CA ALA A 66 25.02 -69.62 -28.28
C ALA A 66 24.68 -68.46 -27.38
N SER A 67 25.18 -67.28 -27.70
CA SER A 67 24.87 -66.10 -26.88
C SER A 67 23.41 -65.73 -27.11
N VAL A 68 22.83 -66.36 -28.13
CA VAL A 68 21.45 -66.06 -28.46
C VAL A 68 20.51 -66.75 -27.53
N MET A 69 20.85 -67.97 -27.16
CA MET A 69 20.02 -68.75 -26.29
C MET A 69 20.16 -68.40 -24.83
N LYS A 70 21.08 -67.51 -24.51
CA LYS A 70 21.22 -67.14 -23.12
C LYS A 70 20.01 -66.33 -22.72
N GLU A 71 19.18 -65.97 -23.69
CA GLU A 71 17.99 -65.21 -23.35
C GLU A 71 16.72 -66.07 -23.33
N PHE A 72 16.87 -67.36 -23.61
CA PHE A 72 15.73 -68.27 -23.62
C PHE A 72 15.64 -69.09 -22.33
N ASN A 73 14.44 -69.55 -22.02
CA ASN A 73 14.21 -70.35 -20.82
C ASN A 73 12.77 -70.83 -20.84
N CYS A 74 12.53 -71.87 -21.61
CA CYS A 74 11.22 -72.45 -21.74
C CYS A 74 11.42 -73.95 -21.77
N HIS A 75 10.55 -74.66 -21.10
CA HIS A 75 10.66 -76.09 -21.04
C HIS A 75 10.51 -76.71 -22.43
N HIS A 76 10.10 -75.92 -23.42
CA HIS A 76 9.90 -76.50 -24.73
C HIS A 76 10.81 -76.03 -25.86
N VAL A 77 12.03 -75.68 -25.49
CA VAL A 77 13.02 -75.22 -26.44
C VAL A 77 14.33 -75.73 -25.86
N VAL A 78 14.97 -76.65 -26.57
CA VAL A 78 16.24 -77.21 -26.11
C VAL A 78 17.06 -76.14 -25.40
N ARG A 79 17.43 -76.42 -24.15
CA ARG A 79 18.17 -75.48 -23.31
C ARG A 79 19.68 -75.41 -23.40
N LEU A 80 20.23 -74.22 -23.18
CA LEU A 80 21.66 -74.01 -23.18
C LEU A 80 22.15 -74.15 -21.75
N LEU A 81 22.81 -75.25 -21.43
CA LEU A 81 23.30 -75.46 -20.07
C LEU A 81 24.62 -74.75 -19.75
N GLY A 82 25.49 -74.60 -20.75
CA GLY A 82 26.73 -73.90 -20.49
C GLY A 82 27.76 -73.80 -21.61
N VAL A 83 28.68 -72.86 -21.46
CA VAL A 83 29.72 -72.69 -22.44
C VAL A 83 31.09 -72.85 -21.81
N VAL A 84 32.03 -73.38 -22.58
CA VAL A 84 33.40 -73.54 -22.13
C VAL A 84 34.19 -72.62 -23.04
N SER A 85 34.21 -71.34 -22.72
CA SER A 85 34.90 -70.37 -23.56
C SER A 85 36.39 -70.23 -23.23
N GLN A 86 36.97 -71.27 -22.66
CA GLN A 86 38.39 -71.24 -22.28
C GLN A 86 39.13 -72.47 -22.77
N GLY A 87 40.32 -72.25 -23.30
CA GLY A 87 41.08 -73.36 -23.82
C GLY A 87 40.42 -73.79 -25.11
N GLN A 88 40.72 -74.99 -25.53
CA GLN A 88 40.16 -75.47 -26.77
C GLN A 88 40.11 -76.96 -26.65
N PRO A 89 39.16 -77.60 -27.33
CA PRO A 89 38.14 -77.05 -28.22
C PRO A 89 37.04 -76.33 -27.47
N THR A 90 36.63 -75.17 -27.99
CA THR A 90 35.55 -74.40 -27.40
C THR A 90 34.38 -75.35 -27.27
N LEU A 91 33.56 -75.17 -26.24
CA LEU A 91 32.44 -76.06 -26.08
C LEU A 91 31.17 -75.35 -25.69
N VAL A 92 30.09 -75.70 -26.38
CA VAL A 92 28.78 -75.17 -26.05
C VAL A 92 28.06 -76.38 -25.50
N ILE A 93 27.48 -76.23 -24.30
CA ILE A 93 26.78 -77.32 -23.63
C ILE A 93 25.29 -77.12 -23.54
N MET A 94 24.55 -78.15 -23.92
CA MET A 94 23.12 -78.07 -23.92
C MET A 94 22.40 -79.35 -23.60
N GLU A 95 21.19 -79.17 -23.11
CA GLU A 95 20.27 -80.23 -22.75
C GLU A 95 20.32 -81.32 -23.81
N LEU A 96 20.53 -82.57 -23.42
CA LEU A 96 20.56 -83.66 -24.38
C LEU A 96 19.16 -84.20 -24.69
N MET A 97 18.92 -84.51 -25.95
CA MET A 97 17.64 -85.06 -26.39
C MET A 97 17.98 -86.44 -26.91
N THR A 98 17.90 -87.43 -26.04
CA THR A 98 18.27 -88.77 -26.42
C THR A 98 17.61 -89.31 -27.69
N ARG A 99 16.33 -89.07 -27.87
CA ARG A 99 15.68 -89.63 -29.04
C ARG A 99 15.90 -88.91 -30.36
N GLY A 100 16.57 -87.77 -30.32
CA GLY A 100 16.86 -87.08 -31.56
C GLY A 100 15.77 -86.25 -32.21
N ASP A 101 16.02 -85.89 -33.47
CA ASP A 101 15.10 -85.07 -34.22
C ASP A 101 13.75 -85.75 -34.46
N LEU A 102 12.69 -84.95 -34.39
CA LEU A 102 11.32 -85.44 -34.56
C LEU A 102 11.04 -86.10 -35.90
N LYS A 103 11.76 -85.72 -36.94
CA LYS A 103 11.49 -86.32 -38.23
C LYS A 103 11.99 -87.74 -38.27
N SER A 104 13.16 -87.98 -37.68
CA SER A 104 13.73 -89.32 -37.65
C SER A 104 12.88 -90.19 -36.75
N TYR A 105 12.59 -89.66 -35.56
CA TYR A 105 11.77 -90.37 -34.59
C TYR A 105 10.51 -90.91 -35.28
N LEU A 106 9.79 -90.00 -35.92
CA LEU A 106 8.55 -90.34 -36.64
C LEU A 106 8.78 -91.35 -37.76
N ARG A 107 9.91 -91.23 -38.45
CA ARG A 107 10.19 -92.15 -39.53
C ARG A 107 10.50 -93.47 -38.89
N SER A 108 10.74 -93.45 -37.58
CA SER A 108 11.06 -94.69 -36.87
C SER A 108 9.81 -95.46 -36.61
N LEU A 109 8.79 -94.78 -36.10
CA LEU A 109 7.54 -95.42 -35.78
C LEU A 109 6.81 -96.02 -36.98
N ARG A 110 7.47 -96.22 -38.11
CA ARG A 110 6.74 -96.68 -39.30
C ARG A 110 6.34 -98.13 -39.43
N PRO A 111 5.02 -98.31 -39.35
CA PRO A 111 4.35 -99.61 -39.44
C PRO A 111 4.27 -100.06 -40.89
N PRO A 122 0.89 -93.56 -33.64
CA PRO A 122 0.56 -92.57 -32.61
C PRO A 122 -0.95 -92.38 -32.39
N SER A 123 -1.35 -92.07 -31.17
CA SER A 123 -2.76 -91.96 -30.84
C SER A 123 -3.51 -90.71 -31.23
N LEU A 124 -3.18 -89.63 -30.55
CA LEU A 124 -3.85 -88.36 -30.75
C LEU A 124 -3.50 -87.74 -29.43
N SER A 125 -3.67 -88.52 -28.37
CA SER A 125 -3.29 -88.03 -27.06
C SER A 125 -1.82 -87.72 -27.29
N LYS A 126 -1.17 -88.64 -27.98
CA LYS A 126 0.24 -88.53 -28.30
C LYS A 126 0.52 -87.51 -29.42
N MET A 127 -0.35 -87.42 -30.42
CA MET A 127 -0.16 -86.44 -31.47
C MET A 127 -0.45 -85.05 -30.97
N ILE A 128 -1.45 -84.91 -30.11
CA ILE A 128 -1.82 -83.62 -29.56
C ILE A 128 -0.79 -83.18 -28.55
N GLN A 129 -0.09 -84.12 -27.93
CA GLN A 129 0.90 -83.74 -26.94
C GLN A 129 2.11 -83.16 -27.64
N MET A 130 2.43 -83.72 -28.81
CA MET A 130 3.55 -83.20 -29.60
C MET A 130 3.18 -81.80 -30.05
N ALA A 131 2.13 -81.69 -30.83
CA ALA A 131 1.67 -80.41 -31.34
C ALA A 131 1.63 -79.34 -30.27
N GLY A 132 1.11 -79.68 -29.10
CA GLY A 132 0.99 -78.69 -28.04
C GLY A 132 2.28 -78.23 -27.42
N GLU A 133 3.30 -79.06 -27.45
CA GLU A 133 4.56 -78.66 -26.87
C GLU A 133 5.27 -77.79 -27.87
N ILE A 134 5.28 -78.21 -29.13
CA ILE A 134 5.89 -77.42 -30.19
C ILE A 134 5.26 -76.04 -30.19
N ALA A 135 3.95 -75.98 -30.16
CA ALA A 135 3.26 -74.72 -30.18
C ALA A 135 3.58 -73.87 -28.94
N ASP A 136 3.81 -74.51 -27.80
CA ASP A 136 4.13 -73.75 -26.59
C ASP A 136 5.52 -73.18 -26.77
N GLY A 137 6.38 -73.94 -27.43
CA GLY A 137 7.73 -73.50 -27.69
C GLY A 137 7.69 -72.28 -28.58
N MET A 138 6.97 -72.37 -29.69
CA MET A 138 6.83 -71.25 -30.61
C MET A 138 6.22 -70.04 -29.92
N ALA A 139 5.09 -70.24 -29.24
CA ALA A 139 4.43 -69.15 -28.53
C ALA A 139 5.41 -68.41 -27.63
N TYR A 140 6.31 -69.16 -27.03
CA TYR A 140 7.33 -68.59 -26.15
C TYR A 140 8.33 -67.80 -26.98
N LEU A 141 8.80 -68.41 -28.07
CA LEU A 141 9.73 -67.74 -28.95
C LEU A 141 9.06 -66.48 -29.53
N ASN A 142 8.01 -66.63 -30.34
CA ASN A 142 7.35 -65.45 -30.91
C ASN A 142 7.11 -64.40 -29.83
N ALA A 143 6.74 -64.85 -28.64
CA ALA A 143 6.49 -63.92 -27.54
C ALA A 143 7.75 -63.11 -27.28
N ASN A 144 8.91 -63.73 -27.43
CA ASN A 144 10.15 -63.04 -27.21
C ASN A 144 10.66 -62.32 -28.44
N LYS A 145 9.75 -62.12 -29.40
CA LYS A 145 10.05 -61.43 -30.63
C LYS A 145 10.96 -62.23 -31.56
N PHE A 146 10.97 -63.54 -31.40
CA PHE A 146 11.82 -64.41 -32.21
C PHE A 146 10.97 -65.09 -33.24
N VAL A 147 11.48 -65.22 -34.44
CA VAL A 147 10.71 -65.89 -35.47
C VAL A 147 11.57 -67.01 -36.00
N HIS A 148 11.19 -68.23 -35.67
CA HIS A 148 11.93 -69.36 -36.18
C HIS A 148 11.58 -69.16 -37.65
N ARG A 149 12.48 -69.45 -38.57
CA ARG A 149 12.13 -69.28 -39.98
C ARG A 149 12.31 -70.60 -40.71
N ASP A 150 12.54 -71.67 -39.95
CA ASP A 150 12.72 -72.99 -40.53
C ASP A 150 12.15 -74.01 -39.56
N LEU A 151 10.87 -73.82 -39.22
CA LEU A 151 10.19 -74.71 -38.31
C LEU A 151 9.61 -75.89 -39.04
N ALA A 152 10.11 -77.08 -38.72
CA ALA A 152 9.61 -78.30 -39.35
C ALA A 152 10.04 -79.41 -38.43
N ALA A 153 9.51 -80.59 -38.65
CA ALA A 153 9.83 -81.74 -37.81
C ALA A 153 11.32 -81.90 -37.55
N ARG A 154 12.12 -81.91 -38.62
CA ARG A 154 13.57 -82.07 -38.50
C ARG A 154 14.26 -81.13 -37.53
N ASN A 155 13.70 -79.96 -37.29
CA ASN A 155 14.31 -79.02 -36.35
C ASN A 155 13.63 -79.01 -35.00
N CYS A 156 12.92 -80.11 -34.73
CA CYS A 156 12.23 -80.37 -33.48
C CYS A 156 12.85 -81.65 -32.95
N MET A 157 13.26 -81.65 -31.68
CA MET A 157 13.88 -82.86 -31.12
C MET A 157 13.03 -83.53 -30.07
N VAL A 158 13.22 -84.83 -29.91
CA VAL A 158 12.46 -85.61 -28.94
C VAL A 158 13.29 -86.10 -27.78
N ALA A 159 12.84 -85.81 -26.57
CA ALA A 159 13.54 -86.21 -25.35
C ALA A 159 13.30 -87.65 -24.91
N GLU A 160 14.04 -88.06 -23.87
CA GLU A 160 13.96 -89.40 -23.30
C GLU A 160 12.52 -89.75 -22.92
N ASP A 161 11.83 -88.78 -22.31
CA ASP A 161 10.45 -88.96 -21.88
C ASP A 161 9.46 -88.64 -23.01
N PHE A 162 9.97 -88.59 -24.23
CA PHE A 162 9.19 -88.32 -25.43
C PHE A 162 8.70 -86.89 -25.63
N THR A 163 9.05 -86.00 -24.71
CA THR A 163 8.65 -84.62 -24.84
C THR A 163 9.23 -84.12 -26.14
N VAL A 164 8.47 -83.30 -26.85
CA VAL A 164 8.99 -82.74 -28.09
C VAL A 164 9.36 -81.31 -27.79
N LYS A 165 10.50 -80.89 -28.31
CA LYS A 165 10.96 -79.53 -28.09
C LYS A 165 11.44 -78.89 -29.38
N ILE A 166 11.41 -77.57 -29.37
CA ILE A 166 11.87 -76.80 -30.50
C ILE A 166 13.31 -76.68 -30.14
N GLY A 167 14.13 -77.55 -30.68
CA GLY A 167 15.52 -77.51 -30.29
C GLY A 167 16.62 -77.17 -31.24
N ASP A 168 17.74 -76.77 -30.63
CA ASP A 168 18.98 -76.39 -31.28
C ASP A 168 18.73 -75.84 -32.65
N PHE A 169 18.67 -74.52 -32.69
CA PHE A 169 18.33 -73.80 -33.90
C PHE A 169 18.92 -74.20 -35.25
N GLY A 170 17.99 -74.68 -36.07
CA GLY A 170 18.31 -75.11 -37.41
C GLY A 170 19.15 -76.34 -37.56
N MET A 171 20.23 -76.46 -36.80
CA MET A 171 21.14 -77.61 -36.93
C MET A 171 21.73 -77.35 -38.30
N THR A 172 22.13 -78.39 -39.01
CA THR A 172 22.70 -78.15 -40.33
C THR A 172 22.95 -79.32 -41.26
N ARG A 173 22.64 -79.11 -42.54
CA ARG A 173 22.86 -80.12 -43.54
C ARG A 173 22.12 -81.40 -43.15
N ASP A 174 22.90 -82.44 -42.88
CA ASP A 174 22.34 -83.71 -42.50
C ASP A 174 21.75 -84.47 -43.67
N ILE A 175 21.02 -85.51 -43.29
CA ILE A 175 20.34 -86.42 -44.20
C ILE A 175 19.18 -85.78 -44.94
N TYR A 176 18.88 -84.53 -44.63
CA TYR A 176 17.75 -83.84 -45.26
C TYR A 176 18.17 -82.70 -46.15
N GLU A 177 18.81 -83.02 -47.27
CA GLU A 177 19.27 -82.01 -48.21
C GLU A 177 18.06 -81.73 -49.09
N THR A 178 17.33 -82.79 -49.40
CA THR A 178 16.15 -82.72 -50.24
C THR A 178 15.09 -81.78 -49.63
N ASP A 179 15.20 -81.48 -48.35
CA ASP A 179 14.23 -80.62 -47.72
C ASP A 179 14.35 -79.16 -48.10
N TYR A 180 15.44 -78.81 -48.77
CA TYR A 180 15.63 -77.45 -49.18
C TYR A 180 15.80 -77.31 -50.67
N TYR A 181 15.66 -76.09 -51.14
CA TYR A 181 15.78 -75.73 -52.54
C TYR A 181 16.20 -74.26 -52.58
N ARG A 182 16.82 -73.88 -53.71
CA ARG A 182 17.33 -72.51 -54.00
C ARG A 182 16.42 -71.85 -55.03
N LYS A 183 15.40 -71.16 -54.54
CA LYS A 183 14.43 -70.47 -55.38
C LYS A 183 15.26 -69.42 -56.14
N GLY A 184 15.46 -69.66 -57.44
CA GLY A 184 16.25 -68.75 -58.26
C GLY A 184 17.74 -68.78 -57.94
N GLY A 185 18.26 -69.96 -57.60
CA GLY A 185 19.66 -70.11 -57.27
C GLY A 185 20.22 -69.19 -56.21
N LYS A 186 19.33 -68.53 -55.46
CA LYS A 186 19.73 -67.58 -54.40
C LYS A 186 19.84 -68.17 -53.00
N GLY A 187 20.30 -69.42 -52.87
CA GLY A 187 20.41 -70.00 -51.55
C GLY A 187 19.31 -70.96 -51.08
N LEU A 188 19.67 -71.81 -50.12
CA LEU A 188 18.81 -72.85 -49.53
C LEU A 188 17.65 -72.41 -48.66
N LEU A 189 16.44 -72.76 -49.11
CA LEU A 189 15.21 -72.44 -48.41
C LEU A 189 14.33 -73.68 -48.33
N PRO A 190 13.60 -73.82 -47.21
CA PRO A 190 12.68 -74.94 -46.96
C PRO A 190 11.36 -74.57 -47.58
N VAL A 191 11.29 -74.68 -48.91
CA VAL A 191 10.10 -74.28 -49.63
C VAL A 191 8.85 -75.11 -49.31
N ARG A 192 9.04 -76.41 -49.10
CA ARG A 192 7.91 -77.28 -48.80
C ARG A 192 7.32 -77.04 -47.42
N TRP A 193 7.90 -76.12 -46.66
CA TRP A 193 7.40 -75.80 -45.33
C TRP A 193 7.07 -74.34 -45.26
N MET A 194 7.41 -73.62 -46.31
CA MET A 194 7.18 -72.17 -46.39
C MET A 194 5.79 -71.76 -46.81
N SER A 195 5.31 -70.67 -46.22
CA SER A 195 4.00 -70.12 -46.54
C SER A 195 4.04 -69.51 -47.92
N PRO A 196 2.89 -69.46 -48.61
CA PRO A 196 2.85 -68.89 -49.95
C PRO A 196 3.32 -67.44 -49.99
N GLU A 197 3.07 -66.69 -48.94
CA GLU A 197 3.51 -65.31 -48.94
C GLU A 197 5.03 -65.26 -48.86
N SER A 198 5.62 -66.22 -48.16
CA SER A 198 7.08 -66.25 -48.02
C SER A 198 7.64 -66.64 -49.36
N LEU A 199 7.09 -67.69 -49.94
CA LEU A 199 7.54 -68.10 -51.25
C LEU A 199 7.60 -66.88 -52.17
N LYS A 200 6.53 -66.11 -52.17
CA LYS A 200 6.43 -64.91 -52.99
C LYS A 200 7.44 -63.86 -52.54
N ASP A 201 7.02 -63.02 -51.61
CA ASP A 201 7.82 -61.92 -51.08
C ASP A 201 9.12 -62.27 -50.36
N GLY A 202 9.23 -63.47 -49.81
CA GLY A 202 10.46 -63.89 -49.16
C GLY A 202 10.63 -63.53 -47.70
N VAL A 203 9.65 -62.84 -47.12
CA VAL A 203 9.70 -62.43 -45.71
C VAL A 203 9.15 -63.49 -44.75
N PHE A 204 9.78 -63.61 -43.58
CA PHE A 204 9.35 -64.57 -42.59
C PHE A 204 8.73 -63.88 -41.34
N THR A 205 7.51 -64.28 -40.99
CA THR A 205 6.81 -63.71 -39.84
C THR A 205 6.28 -64.78 -38.88
N THR A 206 5.72 -64.36 -37.74
CA THR A 206 5.16 -65.34 -36.82
C THR A 206 3.98 -66.05 -37.49
N TYR A 207 3.33 -65.37 -38.44
CA TYR A 207 2.21 -65.96 -39.16
C TYR A 207 2.72 -67.05 -40.09
N SER A 208 3.91 -66.84 -40.66
CA SER A 208 4.47 -67.84 -41.55
C SER A 208 4.96 -69.02 -40.73
N ASP A 209 5.28 -68.71 -39.47
CA ASP A 209 5.73 -69.71 -38.51
C ASP A 209 4.57 -70.67 -38.24
N VAL A 210 3.38 -70.09 -38.11
CA VAL A 210 2.17 -70.86 -37.90
C VAL A 210 1.93 -71.73 -39.13
N TRP A 211 2.22 -71.20 -40.32
CA TRP A 211 2.04 -71.98 -41.54
C TRP A 211 2.91 -73.22 -41.45
N SER A 212 4.17 -73.07 -41.07
CA SER A 212 5.06 -74.22 -40.96
C SER A 212 4.58 -75.18 -39.89
N PHE A 213 3.97 -74.64 -38.83
CA PHE A 213 3.46 -75.45 -37.74
C PHE A 213 2.49 -76.50 -38.27
N GLY A 214 1.57 -76.07 -39.10
CA GLY A 214 0.60 -76.98 -39.67
C GLY A 214 1.25 -77.99 -40.58
N VAL A 215 2.45 -77.70 -41.07
CA VAL A 215 3.12 -78.66 -41.94
C VAL A 215 3.76 -79.65 -41.01
N VAL A 216 4.21 -79.17 -39.85
CA VAL A 216 4.79 -80.07 -38.85
C VAL A 216 3.70 -81.02 -38.38
N LEU A 217 2.48 -80.50 -38.24
CA LEU A 217 1.35 -81.32 -37.82
C LEU A 217 1.07 -82.35 -38.91
N TRP A 218 1.12 -81.91 -40.16
CA TRP A 218 0.88 -82.79 -41.29
C TRP A 218 2.00 -83.84 -41.30
N GLU A 219 3.19 -83.46 -40.85
CA GLU A 219 4.30 -84.41 -40.80
C GLU A 219 3.99 -85.49 -39.77
N ILE A 220 3.48 -85.07 -38.62
CA ILE A 220 3.15 -85.97 -37.53
C ILE A 220 2.06 -86.99 -37.89
N ALA A 221 1.16 -86.61 -38.78
CA ALA A 221 0.09 -87.50 -39.19
C ALA A 221 0.52 -88.49 -40.27
N THR A 222 1.54 -88.11 -41.04
CA THR A 222 2.04 -88.95 -42.12
C THR A 222 3.36 -89.62 -41.77
N LEU A 223 3.73 -89.53 -40.48
CA LEU A 223 4.97 -90.11 -40.00
C LEU A 223 6.11 -89.60 -40.84
N ALA A 224 6.10 -88.29 -41.05
CA ALA A 224 7.15 -87.61 -41.78
C ALA A 224 7.29 -87.96 -43.24
N GLU A 225 6.22 -87.80 -44.01
CA GLU A 225 6.31 -88.03 -45.44
C GLU A 225 6.86 -86.72 -45.97
N GLN A 226 7.21 -86.68 -47.24
CA GLN A 226 7.72 -85.44 -47.80
C GLN A 226 6.53 -84.61 -48.29
N PRO A 227 6.36 -83.38 -47.77
CA PRO A 227 5.25 -82.52 -48.19
C PRO A 227 5.20 -82.30 -49.70
N TYR A 228 4.05 -82.63 -50.29
CA TYR A 228 3.82 -82.50 -51.71
C TYR A 228 4.70 -83.46 -52.53
N GLN A 229 4.84 -84.68 -52.05
CA GLN A 229 5.66 -85.69 -52.71
C GLN A 229 5.47 -85.83 -54.22
N GLY A 230 4.24 -85.82 -54.71
CA GLY A 230 4.06 -85.98 -56.13
C GLY A 230 4.49 -84.78 -56.94
N LEU A 231 4.95 -83.75 -56.24
CA LEU A 231 5.37 -82.51 -56.87
C LEU A 231 6.88 -82.25 -56.81
N SER A 232 7.35 -81.39 -57.71
CA SER A 232 8.77 -81.03 -57.75
C SER A 232 8.89 -79.73 -56.96
N ASN A 233 10.09 -79.31 -56.61
CA ASN A 233 10.23 -78.07 -55.85
C ASN A 233 9.68 -76.92 -56.64
N GLU A 234 9.92 -76.94 -57.94
CA GLU A 234 9.45 -75.86 -58.79
C GLU A 234 7.95 -75.97 -58.87
N GLN A 235 7.43 -77.18 -58.74
CA GLN A 235 5.98 -77.40 -58.76
C GLN A 235 5.37 -76.99 -57.43
N VAL A 236 6.08 -77.21 -56.33
CA VAL A 236 5.56 -76.79 -55.05
C VAL A 236 5.30 -75.31 -55.19
N LEU A 237 6.35 -74.54 -55.40
CA LEU A 237 6.23 -73.09 -55.50
C LEU A 237 4.95 -72.63 -56.21
N ARG A 238 4.69 -73.14 -57.41
CA ARG A 238 3.46 -72.79 -58.13
C ARG A 238 2.21 -73.16 -57.32
N PHE A 239 2.12 -74.44 -56.98
CA PHE A 239 0.99 -75.00 -56.23
C PHE A 239 0.64 -74.31 -54.92
N VAL A 240 1.62 -74.16 -54.03
CA VAL A 240 1.38 -73.53 -52.74
C VAL A 240 1.20 -72.03 -52.83
N MET A 241 1.65 -71.42 -53.92
CA MET A 241 1.51 -69.98 -54.04
C MET A 241 0.17 -69.58 -54.65
N GLU A 242 -0.44 -70.52 -55.35
CA GLU A 242 -1.73 -70.31 -55.99
C GLU A 242 -2.96 -70.71 -55.19
N GLY A 243 -2.75 -71.17 -53.96
CA GLY A 243 -3.87 -71.57 -53.12
C GLY A 243 -4.04 -73.07 -52.97
N GLY A 244 -2.96 -73.81 -53.14
CA GLY A 244 -3.02 -75.25 -52.98
C GLY A 244 -2.64 -75.58 -51.55
N LEU A 245 -3.12 -76.72 -51.08
CA LEU A 245 -2.86 -77.20 -49.74
C LEU A 245 -2.60 -78.68 -49.82
N LEU A 246 -2.18 -79.26 -48.71
CA LEU A 246 -1.91 -80.70 -48.61
C LEU A 246 -3.25 -81.42 -48.38
N ASP A 247 -3.31 -82.69 -48.77
CA ASP A 247 -4.53 -83.49 -48.58
C ASP A 247 -4.56 -84.02 -47.15
N LYS A 248 -5.75 -84.33 -46.67
CA LYS A 248 -5.90 -84.93 -45.35
C LYS A 248 -5.36 -86.37 -45.48
N PRO A 249 -4.33 -86.71 -44.70
CA PRO A 249 -3.75 -88.05 -44.75
C PRO A 249 -4.72 -89.15 -44.36
N ASP A 250 -4.40 -90.38 -44.77
CA ASP A 250 -5.23 -91.56 -44.55
C ASP A 250 -6.10 -91.68 -43.30
N ASN A 251 -5.49 -91.84 -42.13
CA ASN A 251 -6.29 -91.99 -40.93
C ASN A 251 -6.09 -90.82 -40.00
N CYS A 252 -6.12 -89.63 -40.57
CA CYS A 252 -5.90 -88.45 -39.77
C CYS A 252 -7.12 -88.05 -38.92
N PRO A 253 -6.88 -87.75 -37.63
CA PRO A 253 -7.95 -87.35 -36.71
C PRO A 253 -8.60 -86.07 -37.20
N ASP A 254 -9.91 -86.10 -37.43
CA ASP A 254 -10.61 -84.91 -37.92
C ASP A 254 -10.20 -83.65 -37.16
N MET A 255 -9.66 -83.80 -35.95
CA MET A 255 -9.26 -82.62 -35.21
C MET A 255 -7.98 -82.00 -35.77
N LEU A 256 -6.94 -82.82 -35.84
CA LEU A 256 -5.64 -82.40 -36.34
C LEU A 256 -5.74 -81.63 -37.65
N PHE A 257 -6.35 -82.26 -38.65
CA PHE A 257 -6.50 -81.65 -39.94
C PHE A 257 -7.27 -80.36 -39.87
N GLU A 258 -8.18 -80.25 -38.93
CA GLU A 258 -8.95 -79.03 -38.78
C GLU A 258 -7.99 -77.96 -38.28
N LEU A 259 -7.07 -78.35 -37.41
CA LEU A 259 -6.08 -77.43 -36.86
C LEU A 259 -5.09 -77.05 -37.96
N MET A 260 -4.85 -78.02 -38.85
CA MET A 260 -3.93 -77.84 -39.97
C MET A 260 -4.40 -76.72 -40.86
N ARG A 261 -5.58 -76.88 -41.45
CA ARG A 261 -6.05 -75.82 -42.31
C ARG A 261 -6.44 -74.53 -41.61
N MET A 262 -6.29 -74.48 -40.30
CA MET A 262 -6.56 -73.24 -39.57
C MET A 262 -5.26 -72.49 -39.77
N CYS A 263 -4.19 -73.27 -39.88
CA CYS A 263 -2.85 -72.75 -40.07
C CYS A 263 -2.53 -72.40 -41.52
N TRP A 264 -3.11 -73.14 -42.45
CA TRP A 264 -2.88 -72.89 -43.86
C TRP A 264 -3.84 -71.88 -44.48
N GLN A 265 -4.42 -71.01 -43.67
CA GLN A 265 -5.31 -69.98 -44.23
C GLN A 265 -4.38 -69.17 -45.12
N TYR A 266 -4.76 -68.95 -46.38
CA TYR A 266 -3.91 -68.18 -47.31
C TYR A 266 -3.52 -66.84 -46.71
N ASN A 267 -4.51 -66.01 -46.40
CA ASN A 267 -4.24 -64.72 -45.80
C ASN A 267 -3.57 -64.97 -44.45
N PRO A 268 -2.35 -64.48 -44.29
CA PRO A 268 -1.69 -64.71 -43.00
C PRO A 268 -2.46 -64.20 -41.78
N LYS A 269 -3.14 -63.07 -41.91
CA LYS A 269 -3.88 -62.51 -40.78
C LYS A 269 -5.09 -63.32 -40.31
N MET A 270 -5.56 -64.25 -41.14
CA MET A 270 -6.71 -65.10 -40.80
C MET A 270 -6.24 -66.35 -40.07
N ARG A 271 -4.93 -66.43 -39.84
CA ARG A 271 -4.33 -67.59 -39.19
C ARG A 271 -4.33 -67.43 -37.70
N PRO A 272 -4.38 -68.56 -36.98
CA PRO A 272 -4.36 -68.53 -35.53
C PRO A 272 -2.95 -68.28 -35.10
N SER A 273 -2.79 -67.82 -33.86
CA SER A 273 -1.47 -67.58 -33.29
C SER A 273 -1.14 -68.88 -32.60
N PHE A 274 0.06 -69.02 -32.07
CA PHE A 274 0.40 -70.26 -31.39
C PHE A 274 -0.34 -70.36 -30.05
N LEU A 275 -0.51 -69.23 -29.37
CA LEU A 275 -1.22 -69.22 -28.10
C LEU A 275 -2.65 -69.69 -28.37
N GLU A 276 -3.29 -69.10 -29.36
CA GLU A 276 -4.65 -69.50 -29.70
C GLU A 276 -4.66 -70.99 -30.03
N ILE A 277 -3.59 -71.50 -30.62
CA ILE A 277 -3.56 -72.92 -30.96
C ILE A 277 -3.49 -73.78 -29.72
N ILE A 278 -2.77 -73.32 -28.71
CA ILE A 278 -2.68 -74.08 -27.45
C ILE A 278 -4.06 -74.02 -26.75
N SER A 279 -4.59 -72.80 -26.61
CA SER A 279 -5.90 -72.55 -26.01
C SER A 279 -6.98 -73.48 -26.57
N SER A 280 -6.81 -73.90 -27.80
CA SER A 280 -7.81 -74.75 -28.41
C SER A 280 -7.56 -76.21 -28.10
N ILE A 281 -6.38 -76.53 -27.61
CA ILE A 281 -6.07 -77.92 -27.30
C ILE A 281 -5.58 -78.00 -25.87
N LYS A 282 -5.66 -76.90 -25.17
CA LYS A 282 -5.21 -76.82 -23.78
C LYS A 282 -5.66 -77.94 -22.87
N GLU A 283 -6.84 -78.49 -23.15
CA GLU A 283 -7.38 -79.53 -22.30
C GLU A 283 -7.37 -80.93 -22.87
N GLU A 284 -6.49 -81.17 -23.83
CA GLU A 284 -6.36 -82.49 -24.43
C GLU A 284 -4.96 -82.98 -24.16
N MET A 285 -4.21 -82.16 -23.44
CA MET A 285 -2.84 -82.44 -23.14
C MET A 285 -2.56 -82.92 -21.73
N GLU A 286 -1.60 -83.82 -21.63
CA GLU A 286 -1.21 -84.38 -20.36
C GLU A 286 -1.18 -83.34 -19.26
N PRO A 287 -1.60 -83.74 -18.05
CA PRO A 287 -1.65 -82.89 -16.86
C PRO A 287 -0.37 -82.15 -16.55
N GLY A 288 0.77 -82.69 -17.00
CA GLY A 288 2.03 -82.05 -16.71
C GLY A 288 2.24 -80.68 -17.35
N PHE A 289 1.67 -80.52 -18.54
CA PHE A 289 1.76 -79.30 -19.33
C PHE A 289 1.57 -78.04 -18.52
N ARG A 290 0.45 -77.98 -17.82
CA ARG A 290 0.11 -76.81 -17.02
C ARG A 290 1.19 -76.34 -16.07
N GLU A 291 1.97 -77.25 -15.51
CA GLU A 291 2.99 -76.82 -14.56
C GLU A 291 4.35 -76.47 -15.17
N VAL A 292 4.55 -76.82 -16.44
CA VAL A 292 5.83 -76.53 -17.10
C VAL A 292 5.76 -75.57 -18.26
N SER A 293 4.66 -75.59 -18.99
CA SER A 293 4.46 -74.77 -20.18
C SER A 293 4.64 -73.28 -20.01
N PHE A 294 4.70 -72.59 -21.16
CA PHE A 294 4.83 -71.15 -21.20
C PHE A 294 3.43 -70.58 -21.17
N TYR A 295 2.53 -71.32 -21.80
CA TYR A 295 1.14 -70.95 -21.91
C TYR A 295 0.51 -70.59 -20.56
N TYR A 296 0.85 -71.36 -19.53
CA TYR A 296 0.33 -71.12 -18.19
C TYR A 296 1.28 -70.29 -17.33
N SER A 297 2.49 -70.09 -17.83
CA SER A 297 3.49 -69.31 -17.11
C SER A 297 3.00 -67.90 -16.82
N GLU A 298 3.49 -67.30 -15.75
CA GLU A 298 3.09 -65.92 -15.42
C GLU A 298 3.74 -65.02 -16.47
N GLU A 299 4.77 -65.55 -17.11
CA GLU A 299 5.46 -64.81 -18.14
C GLU A 299 4.39 -64.46 -19.18
N ASN A 300 3.41 -65.36 -19.35
CA ASN A 300 2.32 -65.14 -20.32
C ASN A 300 1.15 -64.40 -19.64
N VAL B 3 14.21 41.72 -0.36
CA VAL B 3 12.77 41.51 -0.72
C VAL B 3 12.35 42.32 -1.95
N PRO B 4 11.80 41.65 -2.99
CA PRO B 4 11.57 40.21 -3.00
C PRO B 4 12.88 39.50 -3.22
N ASP B 5 12.78 38.34 -3.86
CA ASP B 5 13.91 37.50 -4.12
C ASP B 5 13.54 36.75 -5.40
N GLU B 6 14.55 36.18 -6.05
CA GLU B 6 14.37 35.44 -7.29
C GLU B 6 13.46 34.23 -7.16
N TRP B 7 12.87 34.04 -5.99
CA TRP B 7 12.01 32.88 -5.77
C TRP B 7 10.55 33.24 -5.74
N GLU B 8 10.28 34.52 -5.58
CA GLU B 8 8.92 35.03 -5.52
C GLU B 8 8.06 34.56 -6.66
N VAL B 9 6.83 34.20 -6.34
CA VAL B 9 5.91 33.74 -7.35
C VAL B 9 4.65 34.55 -7.18
N ALA B 10 3.79 34.53 -8.19
CA ALA B 10 2.54 35.29 -8.12
C ALA B 10 1.40 34.35 -7.77
N ARG B 11 0.68 34.70 -6.72
CA ARG B 11 -0.44 33.88 -6.28
C ARG B 11 -1.21 33.35 -7.48
N GLU B 12 -1.39 34.21 -8.48
CA GLU B 12 -2.11 33.84 -9.68
C GLU B 12 -1.61 32.48 -10.16
N LYS B 13 -0.30 32.33 -10.21
CA LYS B 13 0.32 31.09 -10.68
C LYS B 13 0.01 29.86 -9.79
N ILE B 14 -0.38 30.10 -8.55
CA ILE B 14 -0.69 28.99 -7.65
C ILE B 14 -2.17 28.79 -7.37
N THR B 15 -2.65 27.56 -7.56
CA THR B 15 -4.05 27.29 -7.36
C THR B 15 -4.53 26.84 -5.98
N MET B 16 -4.08 25.67 -5.51
CA MET B 16 -4.49 25.14 -4.19
C MET B 16 -5.73 24.24 -4.43
N SER B 17 -5.59 22.94 -4.22
CA SER B 17 -6.64 21.98 -4.51
C SER B 17 -7.31 21.16 -3.40
N ARG B 18 -6.61 20.95 -2.29
CA ARG B 18 -7.14 20.15 -1.19
C ARG B 18 -6.10 20.32 -0.10
N GLU B 19 -6.48 20.02 1.14
CA GLU B 19 -5.55 20.13 2.23
C GLU B 19 -4.82 18.81 2.32
N LEU B 20 -3.76 18.80 3.10
CA LEU B 20 -2.99 17.59 3.28
C LEU B 20 -2.90 17.34 4.75
N GLY B 21 -3.05 18.41 5.53
CA GLY B 21 -2.98 18.26 6.98
C GLY B 21 -2.46 19.54 7.60
N GLN B 22 -2.15 19.50 8.89
CA GLN B 22 -1.64 20.69 9.55
C GLN B 22 -0.15 20.52 9.76
N GLY B 23 0.63 21.58 9.62
CA GLY B 23 2.06 21.46 9.80
C GLY B 23 2.51 22.35 10.94
N SER B 24 3.81 22.34 11.18
CA SER B 24 4.37 23.13 12.26
C SER B 24 3.91 24.59 12.25
N PHE B 25 3.88 25.22 11.07
CA PHE B 25 3.47 26.63 10.97
C PHE B 25 2.03 26.97 10.60
N GLY B 26 1.37 26.10 9.85
CA GLY B 26 0.01 26.34 9.43
C GLY B 26 -0.46 25.16 8.60
N MET B 27 -1.45 25.37 7.75
CA MET B 27 -1.95 24.27 6.92
C MET B 27 -1.15 24.09 5.65
N VAL B 28 -1.01 22.84 5.23
CA VAL B 28 -0.28 22.52 4.04
C VAL B 28 -1.25 21.94 3.05
N TYR B 29 -1.35 22.55 1.87
CA TYR B 29 -2.27 22.03 0.87
C TYR B 29 -1.50 21.32 -0.19
N GLU B 30 -2.24 20.77 -1.14
CA GLU B 30 -1.68 20.09 -2.28
C GLU B 30 -2.19 20.98 -3.41
N GLY B 31 -1.36 21.21 -4.43
CA GLY B 31 -1.85 22.07 -5.50
C GLY B 31 -1.10 22.05 -6.82
N VAL B 32 -1.25 23.15 -7.54
CA VAL B 32 -0.60 23.31 -8.82
C VAL B 32 0.06 24.66 -8.93
N ALA B 33 1.18 24.66 -9.62
CA ALA B 33 1.96 25.85 -9.92
C ALA B 33 2.17 25.79 -11.45
N LYS B 34 2.01 26.96 -12.09
CA LYS B 34 2.16 27.09 -13.53
C LYS B 34 3.55 27.56 -13.93
N GLY B 35 4.27 28.12 -12.98
CA GLY B 35 5.58 28.61 -13.32
C GLY B 35 6.59 28.22 -12.28
N VAL B 36 7.05 26.97 -12.32
CA VAL B 36 7.97 26.57 -11.29
C VAL B 36 9.08 25.68 -11.78
N VAL B 37 8.74 24.86 -12.76
CA VAL B 37 9.74 23.97 -13.31
C VAL B 37 9.94 24.19 -14.82
N LYS B 38 11.12 24.67 -15.19
CA LYS B 38 11.42 24.90 -16.60
C LYS B 38 10.87 23.78 -17.47
N ASP B 39 10.43 24.13 -18.66
CA ASP B 39 9.94 23.10 -19.55
C ASP B 39 8.91 22.25 -18.80
N GLU B 40 7.93 22.94 -18.20
CA GLU B 40 6.87 22.28 -17.46
C GLU B 40 5.82 23.31 -17.02
N PRO B 41 4.74 23.43 -17.81
CA PRO B 41 3.58 24.31 -17.66
C PRO B 41 3.10 24.39 -16.22
N GLU B 42 2.37 23.35 -15.81
CA GLU B 42 1.85 23.26 -14.46
C GLU B 42 2.63 22.15 -13.75
N THR B 43 2.79 22.29 -12.44
CA THR B 43 3.48 21.27 -11.69
C THR B 43 2.73 21.01 -10.39
N ARG B 44 2.63 19.74 -10.02
CA ARG B 44 1.95 19.38 -8.79
C ARG B 44 2.83 19.87 -7.65
N VAL B 45 2.32 20.78 -6.85
CA VAL B 45 3.11 21.27 -5.74
C VAL B 45 2.44 21.03 -4.39
N ALA B 46 3.15 21.43 -3.35
CA ALA B 46 2.67 21.33 -1.99
C ALA B 46 2.79 22.75 -1.54
N ILE B 47 1.75 23.26 -0.91
CA ILE B 47 1.74 24.63 -0.45
C ILE B 47 1.67 24.68 1.07
N LYS B 48 2.60 25.38 1.69
CA LYS B 48 2.62 25.50 3.13
C LYS B 48 2.24 26.91 3.47
N THR B 49 1.35 27.06 4.43
CA THR B 49 0.91 28.39 4.85
C THR B 49 1.19 28.55 6.33
N VAL B 50 0.76 29.67 6.90
CA VAL B 50 0.94 29.94 8.33
C VAL B 50 -0.42 30.34 8.88
N ASN B 51 -0.80 29.78 10.03
CA ASN B 51 -2.10 30.11 10.63
C ASN B 51 -2.27 31.63 10.71
N GLU B 52 -3.42 32.14 10.34
CA GLU B 52 -3.61 33.59 10.37
C GLU B 52 -3.49 34.21 11.75
N ALA B 53 -3.61 33.42 12.80
CA ALA B 53 -3.50 33.99 14.12
C ALA B 53 -2.03 34.11 14.53
N ALA B 54 -1.17 33.36 13.85
CA ALA B 54 0.27 33.35 14.12
C ALA B 54 0.85 34.66 14.58
N SER B 55 1.89 34.61 15.39
CA SER B 55 2.54 35.83 15.86
C SER B 55 3.50 36.36 14.80
N MET B 56 3.78 37.65 14.88
CA MET B 56 4.68 38.26 13.93
C MET B 56 6.05 37.55 13.99
N ARG B 57 6.23 36.73 15.02
CA ARG B 57 7.46 36.00 15.22
C ARG B 57 7.41 34.65 14.52
N GLU B 58 6.21 34.20 14.17
CA GLU B 58 6.10 32.93 13.47
C GLU B 58 6.02 33.19 11.96
N ARG B 59 5.39 34.30 11.56
CA ARG B 59 5.32 34.58 10.14
C ARG B 59 6.74 34.77 9.62
N ILE B 60 7.63 35.21 10.51
CA ILE B 60 9.04 35.40 10.19
C ILE B 60 9.74 34.04 10.19
N GLU B 61 9.59 33.30 11.29
CA GLU B 61 10.18 31.97 11.42
C GLU B 61 9.88 31.10 10.21
N PHE B 62 8.72 31.34 9.62
CA PHE B 62 8.24 30.62 8.45
C PHE B 62 9.04 31.02 7.23
N LEU B 63 9.31 32.31 7.12
CA LEU B 63 10.09 32.84 6.01
C LEU B 63 11.58 32.51 6.17
N ASN B 64 12.01 32.12 7.36
CA ASN B 64 13.41 31.74 7.58
C ASN B 64 13.61 30.28 7.25
N GLU B 65 12.70 29.46 7.75
CA GLU B 65 12.77 28.03 7.51
C GLU B 65 12.73 27.78 5.99
N ALA B 66 12.21 28.73 5.22
CA ALA B 66 12.22 28.53 3.79
C ALA B 66 13.52 29.10 3.29
N SER B 67 13.92 30.25 3.83
CA SER B 67 15.20 30.88 3.45
C SER B 67 16.32 29.86 3.35
N VAL B 68 16.24 28.84 4.19
CA VAL B 68 17.26 27.81 4.26
C VAL B 68 17.25 26.84 3.10
N MET B 69 16.10 26.65 2.48
CA MET B 69 16.06 25.67 1.41
C MET B 69 16.40 26.21 0.06
N LYS B 70 16.61 27.51 0.01
CA LYS B 70 16.99 28.16 -1.21
C LYS B 70 18.39 27.68 -1.54
N GLU B 71 19.20 27.54 -0.50
CA GLU B 71 20.56 27.07 -0.67
C GLU B 71 20.66 25.59 -1.01
N PHE B 72 19.54 24.89 -1.10
CA PHE B 72 19.64 23.48 -1.41
C PHE B 72 19.28 23.14 -2.81
N ASN B 73 19.83 22.04 -3.29
CA ASN B 73 19.51 21.60 -4.61
C ASN B 73 20.01 20.21 -4.82
N CYS B 74 19.21 19.27 -4.35
CA CYS B 74 19.53 17.86 -4.49
C CYS B 74 18.25 17.22 -4.95
N HIS B 75 18.37 16.32 -5.90
CA HIS B 75 17.23 15.62 -6.45
C HIS B 75 16.66 14.65 -5.41
N HIS B 76 17.33 14.58 -4.27
CA HIS B 76 16.94 13.67 -3.20
C HIS B 76 16.74 14.41 -1.89
N VAL B 77 16.06 15.54 -1.97
CA VAL B 77 15.75 16.35 -0.81
C VAL B 77 14.62 17.19 -1.33
N VAL B 78 13.41 17.00 -0.81
CA VAL B 78 12.28 17.77 -1.29
C VAL B 78 12.70 19.21 -1.63
N ARG B 79 12.36 19.62 -2.86
CA ARG B 79 12.69 20.94 -3.40
C ARG B 79 11.79 22.09 -3.01
N LEU B 80 12.38 23.28 -2.93
CA LEU B 80 11.63 24.49 -2.63
C LEU B 80 11.32 25.12 -3.99
N LEU B 81 10.10 25.00 -4.47
CA LEU B 81 9.78 25.56 -5.78
C LEU B 81 9.56 27.06 -5.83
N GLY B 82 9.35 27.71 -4.70
CA GLY B 82 9.15 29.14 -4.75
C GLY B 82 8.53 29.69 -3.49
N VAL B 83 8.17 30.97 -3.50
CA VAL B 83 7.57 31.58 -2.32
C VAL B 83 6.69 32.74 -2.76
N VAL B 84 5.70 33.07 -1.94
CA VAL B 84 4.81 34.16 -2.27
C VAL B 84 4.73 35.16 -1.12
N SER B 85 5.81 35.91 -0.92
CA SER B 85 5.85 36.89 0.15
C SER B 85 5.00 38.14 -0.08
N GLN B 86 4.01 38.05 -0.98
CA GLN B 86 3.16 39.20 -1.31
C GLN B 86 1.69 38.96 -1.04
N GLY B 87 1.14 39.76 -0.14
CA GLY B 87 -0.25 39.61 0.22
C GLY B 87 -0.43 38.31 0.97
N GLN B 88 -1.57 38.14 1.65
CA GLN B 88 -1.78 36.90 2.39
C GLN B 88 -2.80 35.99 1.76
N PRO B 89 -2.75 34.70 2.11
CA PRO B 89 -1.78 34.11 3.04
C PRO B 89 -0.39 33.87 2.44
N THR B 90 0.66 34.27 3.15
CA THR B 90 2.01 34.03 2.65
C THR B 90 2.03 32.58 2.18
N LEU B 91 2.86 32.25 1.21
CA LEU B 91 2.88 30.87 0.74
C LEU B 91 4.27 30.42 0.50
N VAL B 92 4.49 29.13 0.66
CA VAL B 92 5.78 28.54 0.39
C VAL B 92 5.41 27.35 -0.45
N ILE B 93 5.89 27.33 -1.68
CA ILE B 93 5.58 26.26 -2.62
C ILE B 93 6.70 25.27 -2.62
N MET B 94 6.36 23.99 -2.75
CA MET B 94 7.38 22.96 -2.76
C MET B 94 7.00 21.73 -3.52
N GLU B 95 8.01 21.13 -4.11
CA GLU B 95 7.87 19.92 -4.87
C GLU B 95 6.85 19.05 -4.14
N LEU B 96 5.88 18.50 -4.86
CA LEU B 96 4.89 17.65 -4.22
C LEU B 96 5.26 16.18 -4.27
N MET B 97 5.05 15.50 -3.15
CA MET B 97 5.32 14.08 -2.99
C MET B 97 3.97 13.41 -2.85
N THR B 98 3.48 12.84 -3.94
CA THR B 98 2.18 12.20 -3.92
C THR B 98 2.01 11.05 -2.94
N ARG B 99 3.03 10.23 -2.76
CA ARG B 99 2.90 9.11 -1.86
C ARG B 99 3.34 9.37 -0.41
N GLY B 100 3.16 10.60 0.04
CA GLY B 100 3.51 10.97 1.40
C GLY B 100 4.76 10.40 2.05
N ASP B 101 4.87 10.57 3.36
CA ASP B 101 6.04 10.09 4.11
C ASP B 101 6.28 8.59 3.99
N LEU B 102 7.56 8.22 4.06
CA LEU B 102 8.00 6.83 3.93
C LEU B 102 7.42 5.81 4.93
N LYS B 103 7.27 6.19 6.19
CA LYS B 103 6.74 5.27 7.19
C LYS B 103 5.34 4.87 6.76
N SER B 104 4.49 5.87 6.59
CA SER B 104 3.14 5.64 6.15
C SER B 104 3.15 4.81 4.87
N TYR B 105 3.98 5.19 3.90
CA TYR B 105 4.05 4.42 2.67
C TYR B 105 4.31 2.96 3.04
N LEU B 106 5.35 2.76 3.85
CA LEU B 106 5.76 1.43 4.30
C LEU B 106 4.69 0.63 5.02
N ARG B 107 4.06 1.24 6.03
CA ARG B 107 2.99 0.57 6.79
C ARG B 107 1.98 0.08 5.76
N SER B 108 1.66 0.97 4.83
CA SER B 108 0.69 0.69 3.77
C SER B 108 1.04 -0.50 2.91
N LEU B 109 2.31 -0.88 2.86
CA LEU B 109 2.72 -2.01 2.03
C LEU B 109 2.41 -3.34 2.67
N ARG B 110 1.77 -3.31 3.82
CA ARG B 110 1.46 -4.54 4.52
C ARG B 110 0.24 -5.22 3.94
N PRO B 122 8.61 -5.34 0.05
CA PRO B 122 9.47 -4.93 -1.06
C PRO B 122 10.30 -6.08 -1.60
N SER B 123 11.31 -5.76 -2.41
CA SER B 123 12.15 -6.79 -2.99
C SER B 123 13.52 -6.85 -2.33
N LEU B 124 14.34 -5.87 -2.69
CA LEU B 124 15.69 -5.75 -2.19
C LEU B 124 16.19 -4.64 -3.07
N SER B 125 15.99 -4.82 -4.36
CA SER B 125 16.39 -3.82 -5.32
C SER B 125 15.54 -2.61 -4.99
N LYS B 126 14.26 -2.80 -4.77
CA LYS B 126 13.47 -1.65 -4.47
C LYS B 126 13.93 -1.07 -3.12
N MET B 127 14.41 -1.92 -2.23
CA MET B 127 14.85 -1.48 -0.91
C MET B 127 16.13 -0.68 -0.97
N ILE B 128 17.12 -1.30 -1.59
CA ILE B 128 18.43 -0.70 -1.75
C ILE B 128 18.30 0.63 -2.51
N GLN B 129 17.42 0.66 -3.51
CA GLN B 129 17.19 1.86 -4.28
C GLN B 129 16.61 2.94 -3.34
N MET B 130 16.06 2.52 -2.19
CA MET B 130 15.50 3.48 -1.24
C MET B 130 16.62 3.98 -0.34
N ALA B 131 17.46 3.07 0.13
CA ALA B 131 18.58 3.42 0.99
C ALA B 131 19.53 4.35 0.23
N GLY B 132 19.81 3.99 -1.02
CA GLY B 132 20.71 4.80 -1.83
C GLY B 132 20.28 6.24 -2.02
N GLU B 133 18.99 6.46 -2.25
CA GLU B 133 18.51 7.81 -2.47
C GLU B 133 18.57 8.60 -1.19
N ILE B 134 18.14 7.99 -0.10
CA ILE B 134 18.15 8.66 1.20
C ILE B 134 19.57 8.98 1.60
N ALA B 135 20.47 8.04 1.36
CA ALA B 135 21.86 8.23 1.71
C ALA B 135 22.44 9.37 0.87
N ASP B 136 22.01 9.49 -0.37
CA ASP B 136 22.50 10.55 -1.22
C ASP B 136 22.03 11.88 -0.69
N GLY B 137 20.75 11.97 -0.34
CA GLY B 137 20.23 13.21 0.20
C GLY B 137 21.02 13.60 1.44
N MET B 138 21.27 12.64 2.33
CA MET B 138 22.03 12.91 3.54
C MET B 138 23.47 13.28 3.18
N ALA B 139 23.98 12.65 2.13
CA ALA B 139 25.33 12.90 1.63
C ALA B 139 25.41 14.36 1.20
N TYR B 140 24.44 14.75 0.39
CA TYR B 140 24.34 16.12 -0.10
C TYR B 140 24.17 17.05 1.10
N LEU B 141 23.23 16.73 1.98
CA LEU B 141 22.99 17.55 3.15
C LEU B 141 24.23 17.69 4.05
N ASN B 142 24.93 16.60 4.34
CA ASN B 142 26.11 16.74 5.19
C ASN B 142 27.22 17.53 4.51
N ALA B 143 27.33 17.35 3.18
CA ALA B 143 28.32 18.06 2.39
C ALA B 143 28.12 19.57 2.50
N ASN B 144 26.87 19.99 2.70
CA ASN B 144 26.60 21.41 2.82
C ASN B 144 26.59 21.81 4.28
N LYS B 145 27.28 21.02 5.10
CA LYS B 145 27.40 21.30 6.53
C LYS B 145 26.07 21.35 7.29
N PHE B 146 25.15 20.42 7.00
CA PHE B 146 23.82 20.39 7.64
C PHE B 146 23.47 19.02 8.23
N VAL B 147 23.39 18.93 9.55
CA VAL B 147 23.04 17.65 10.16
C VAL B 147 21.54 17.60 10.46
N HIS B 148 20.88 16.61 9.87
CA HIS B 148 19.47 16.40 10.10
C HIS B 148 19.56 15.79 11.50
N ARG B 149 18.76 16.21 12.46
CA ARG B 149 18.92 15.54 13.76
C ARG B 149 17.67 14.71 14.07
N ASP B 150 16.94 14.33 13.02
CA ASP B 150 15.72 13.55 13.17
C ASP B 150 15.50 12.77 11.89
N LEU B 151 16.52 12.08 11.41
CA LEU B 151 16.34 11.32 10.20
C LEU B 151 15.60 10.04 10.55
N ALA B 152 14.55 9.75 9.79
CA ALA B 152 13.76 8.56 10.01
C ALA B 152 12.72 8.50 8.92
N ALA B 153 12.22 7.31 8.63
CA ALA B 153 11.23 7.11 7.61
C ALA B 153 10.04 8.07 7.68
N ARG B 154 9.73 8.59 8.85
CA ARG B 154 8.58 9.49 8.95
C ARG B 154 8.96 10.85 8.37
N ASN B 155 10.27 11.11 8.27
CA ASN B 155 10.75 12.37 7.73
C ASN B 155 11.36 12.28 6.32
N CYS B 156 11.07 11.19 5.62
CA CYS B 156 11.50 10.98 4.25
C CYS B 156 10.16 10.82 3.55
N MET B 157 10.02 11.40 2.36
CA MET B 157 8.75 11.34 1.62
C MET B 157 8.84 10.57 0.33
N VAL B 158 7.74 9.96 -0.09
CA VAL B 158 7.79 9.22 -1.33
C VAL B 158 7.10 10.04 -2.41
N ALA B 159 7.53 9.82 -3.65
CA ALA B 159 6.99 10.55 -4.78
C ALA B 159 6.31 9.63 -5.78
N GLU B 160 5.43 10.22 -6.58
CA GLU B 160 4.66 9.52 -7.61
C GLU B 160 5.45 8.45 -8.35
N ASP B 161 6.75 8.65 -8.50
CA ASP B 161 7.57 7.67 -9.21
C ASP B 161 8.32 6.74 -8.27
N PHE B 162 7.88 6.74 -7.01
CA PHE B 162 8.45 5.91 -5.94
C PHE B 162 9.83 6.31 -5.46
N THR B 163 10.26 7.50 -5.85
CA THR B 163 11.56 7.97 -5.42
C THR B 163 11.41 8.41 -3.99
N VAL B 164 12.45 8.22 -3.20
CA VAL B 164 12.40 8.65 -1.83
C VAL B 164 13.31 9.84 -1.76
N LYS B 165 12.96 10.79 -0.90
CA LYS B 165 13.72 12.02 -0.71
C LYS B 165 13.63 12.43 0.75
N ILE B 166 14.44 13.41 1.13
CA ILE B 166 14.43 13.85 2.50
C ILE B 166 13.34 14.89 2.68
N GLY B 167 12.14 14.38 2.94
CA GLY B 167 10.97 15.23 3.11
C GLY B 167 11.19 16.59 3.75
N ASP B 168 10.21 17.46 3.51
CA ASP B 168 10.18 18.83 4.04
C ASP B 168 10.74 18.76 5.44
N PHE B 169 11.86 19.43 5.68
CA PHE B 169 12.50 19.25 6.97
C PHE B 169 11.73 19.03 8.24
N GLY B 170 11.82 17.75 8.62
CA GLY B 170 11.23 17.17 9.81
C GLY B 170 9.73 17.16 10.04
N MET B 171 8.97 17.98 9.31
CA MET B 171 7.53 18.05 9.54
C MET B 171 7.57 18.51 10.96
N THR B 172 6.71 17.98 11.83
CA THR B 172 6.77 18.46 13.20
C THR B 172 5.79 17.84 14.15
N ARG B 173 4.79 17.16 13.63
CA ARG B 173 3.78 16.57 14.50
C ARG B 173 3.30 15.45 13.68
N ASP B 174 1.98 15.35 13.61
CA ASP B 174 1.33 14.33 12.85
C ASP B 174 0.73 13.29 13.78
N ILE B 175 0.90 12.04 13.40
CA ILE B 175 0.33 10.89 14.09
C ILE B 175 1.38 10.01 14.76
N TYR B 176 2.60 10.51 14.85
CA TYR B 176 3.68 9.72 15.42
C TYR B 176 4.25 10.28 16.69
N GLU B 177 3.44 10.96 17.48
CA GLU B 177 3.95 11.53 18.71
C GLU B 177 4.64 10.43 19.51
N THR B 178 4.23 9.18 19.30
CA THR B 178 4.85 8.08 20.05
C THR B 178 6.34 8.01 19.73
N ASP B 179 6.73 8.47 18.55
CA ASP B 179 8.14 8.43 18.15
C ASP B 179 9.01 9.44 18.88
N TYR B 180 8.46 10.10 19.89
CA TYR B 180 9.25 11.07 20.63
C TYR B 180 9.06 10.81 22.12
N TYR B 181 10.03 11.25 22.91
CA TYR B 181 10.01 11.06 24.34
C TYR B 181 10.71 12.25 25.00
N ARG B 182 10.42 12.51 26.28
CA ARG B 182 11.03 13.66 26.98
C ARG B 182 12.03 13.22 28.04
N LYS B 183 13.26 12.99 27.57
CA LYS B 183 14.37 12.48 28.35
C LYS B 183 14.78 13.19 29.62
N GLY B 184 13.80 13.45 30.47
CA GLY B 184 14.02 14.08 31.75
C GLY B 184 13.21 15.33 31.81
N GLY B 185 12.02 15.30 31.17
CA GLY B 185 11.12 16.46 31.17
C GLY B 185 11.66 17.72 30.51
N LYS B 186 12.53 17.54 29.52
CA LYS B 186 13.09 18.65 28.79
C LYS B 186 12.99 18.54 27.27
N GLY B 187 11.77 18.38 26.76
CA GLY B 187 11.58 18.36 25.32
C GLY B 187 11.69 17.05 24.60
N LEU B 188 10.87 16.92 23.56
CA LEU B 188 10.79 15.72 22.71
C LEU B 188 12.01 15.47 21.85
N LEU B 189 12.56 14.27 21.99
CA LEU B 189 13.71 13.83 21.21
C LEU B 189 13.27 12.49 20.67
N PRO B 190 13.82 12.07 19.52
CA PRO B 190 13.46 10.78 18.93
C PRO B 190 14.43 9.69 19.34
N VAL B 191 14.40 9.36 20.63
CA VAL B 191 15.29 8.38 21.25
C VAL B 191 15.38 7.01 20.58
N ARG B 192 14.34 6.55 19.92
CA ARG B 192 14.44 5.24 19.29
C ARG B 192 15.13 5.33 17.95
N TRP B 193 15.60 6.52 17.62
CA TRP B 193 16.33 6.75 16.37
C TRP B 193 17.66 7.39 16.71
N MET B 194 17.80 7.85 17.95
CA MET B 194 19.02 8.49 18.42
C MET B 194 20.16 7.51 18.68
N SER B 195 21.38 7.94 18.38
CA SER B 195 22.61 7.16 18.55
C SER B 195 22.98 7.21 20.00
N PRO B 196 23.74 6.20 20.47
CA PRO B 196 24.17 6.14 21.86
C PRO B 196 24.83 7.39 22.40
N GLU B 197 25.75 7.96 21.63
CA GLU B 197 26.43 9.16 22.08
C GLU B 197 25.44 10.33 22.20
N SER B 198 24.37 10.28 21.41
CA SER B 198 23.38 11.34 21.44
C SER B 198 22.55 11.22 22.70
N LEU B 199 22.01 10.02 22.93
CA LEU B 199 21.23 9.75 24.13
C LEU B 199 22.07 10.15 25.34
N LYS B 200 23.37 9.97 25.20
CA LYS B 200 24.27 10.30 26.29
C LYS B 200 24.51 11.80 26.40
N ASP B 201 25.35 12.31 25.51
CA ASP B 201 25.74 13.72 25.50
C ASP B 201 24.70 14.70 24.92
N GLY B 202 23.92 14.24 23.95
CA GLY B 202 22.88 15.09 23.38
C GLY B 202 23.24 15.95 22.17
N VAL B 203 24.41 15.69 21.59
CA VAL B 203 24.89 16.45 20.44
C VAL B 203 24.80 15.62 19.18
N PHE B 204 24.09 16.13 18.18
CA PHE B 204 23.93 15.42 16.93
C PHE B 204 25.03 15.75 15.92
N THR B 205 25.48 14.74 15.18
CA THR B 205 26.55 14.89 14.20
C THR B 205 26.26 14.11 12.94
N THR B 206 27.07 14.29 11.91
CA THR B 206 26.82 13.54 10.70
C THR B 206 26.97 12.06 11.00
N TYR B 207 27.64 11.74 12.11
CA TYR B 207 27.83 10.34 12.49
C TYR B 207 26.52 9.78 13.05
N SER B 208 25.86 10.57 13.88
CA SER B 208 24.61 10.19 14.48
C SER B 208 23.59 10.00 13.36
N ASP B 209 23.65 10.86 12.36
CA ASP B 209 22.77 10.79 11.20
C ASP B 209 22.92 9.42 10.52
N VAL B 210 24.16 8.94 10.47
CA VAL B 210 24.38 7.65 9.86
C VAL B 210 23.78 6.59 10.74
N TRP B 211 23.74 6.84 12.05
CA TRP B 211 23.13 5.90 12.99
C TRP B 211 21.65 5.82 12.61
N SER B 212 20.97 6.95 12.66
CA SER B 212 19.56 6.98 12.30
C SER B 212 19.34 6.43 10.91
N PHE B 213 20.36 6.48 10.06
CA PHE B 213 20.19 5.96 8.71
C PHE B 213 19.89 4.49 8.80
N GLY B 214 20.63 3.78 9.64
CA GLY B 214 20.44 2.36 9.80
C GLY B 214 19.07 2.03 10.38
N VAL B 215 18.60 2.85 11.32
CA VAL B 215 17.29 2.59 11.87
C VAL B 215 16.34 2.67 10.68
N VAL B 216 16.45 3.74 9.88
CA VAL B 216 15.61 3.91 8.69
C VAL B 216 15.73 2.71 7.77
N LEU B 217 16.87 2.05 7.78
CA LEU B 217 17.08 0.89 6.93
C LEU B 217 16.31 -0.25 7.51
N TRP B 218 16.33 -0.30 8.84
CA TRP B 218 15.65 -1.31 9.63
C TRP B 218 14.16 -1.12 9.35
N GLU B 219 13.72 0.13 9.48
CA GLU B 219 12.33 0.48 9.24
C GLU B 219 11.88 -0.02 7.89
N ILE B 220 12.72 0.11 6.88
CA ILE B 220 12.32 -0.37 5.58
C ILE B 220 12.10 -1.88 5.58
N ALA B 221 13.02 -2.63 6.19
CA ALA B 221 12.94 -4.08 6.21
C ALA B 221 11.82 -4.70 7.05
N THR B 222 11.27 -3.92 7.98
CA THR B 222 10.19 -4.37 8.86
C THR B 222 8.92 -3.53 8.59
N LEU B 223 8.71 -3.20 7.32
CA LEU B 223 7.60 -2.37 6.92
C LEU B 223 7.19 -1.41 8.01
N ALA B 224 8.20 -0.84 8.64
CA ALA B 224 8.05 0.17 9.67
C ALA B 224 7.47 -0.20 11.01
N GLU B 225 8.02 -1.23 11.63
CA GLU B 225 7.59 -1.60 12.97
C GLU B 225 8.15 -0.46 13.82
N GLN B 226 8.03 -0.55 15.13
CA GLN B 226 8.54 0.49 16.02
C GLN B 226 9.89 0.02 16.58
N PRO B 227 10.98 0.82 16.41
CA PRO B 227 12.32 0.49 16.90
C PRO B 227 12.27 0.02 18.34
N TYR B 228 12.72 -1.22 18.59
CA TYR B 228 12.70 -1.83 19.93
C TYR B 228 11.28 -1.81 20.51
N GLN B 229 10.38 -2.59 19.91
CA GLN B 229 8.97 -2.65 20.31
C GLN B 229 8.74 -3.11 21.75
N GLY B 230 9.35 -4.22 22.12
CA GLY B 230 9.16 -4.71 23.47
C GLY B 230 9.82 -3.91 24.56
N LEU B 231 10.27 -2.71 24.25
CA LEU B 231 10.95 -1.90 25.25
C LEU B 231 10.30 -0.55 25.42
N SER B 232 10.52 0.06 26.58
CA SER B 232 9.95 1.37 26.85
C SER B 232 11.03 2.40 26.57
N ASN B 233 10.61 3.61 26.28
CA ASN B 233 11.56 4.66 25.99
C ASN B 233 12.71 4.59 26.98
N GLU B 234 12.38 4.63 28.27
CA GLU B 234 13.41 4.59 29.29
C GLU B 234 14.19 3.29 29.23
N GLN B 235 13.56 2.24 28.72
CA GLN B 235 14.27 0.99 28.61
C GLN B 235 15.19 1.16 27.44
N VAL B 236 14.70 1.80 26.38
CA VAL B 236 15.51 2.05 25.19
C VAL B 236 16.77 2.80 25.60
N LEU B 237 16.62 3.96 26.22
CA LEU B 237 17.79 4.74 26.62
C LEU B 237 18.90 3.88 27.20
N ARG B 238 18.56 3.00 28.15
CA ARG B 238 19.52 2.09 28.80
C ARG B 238 20.12 1.04 27.86
N PHE B 239 19.27 0.39 27.08
CA PHE B 239 19.70 -0.64 26.16
C PHE B 239 20.59 -0.14 25.01
N VAL B 240 20.27 1.03 24.48
CA VAL B 240 21.06 1.53 23.37
C VAL B 240 22.36 2.18 23.80
N MET B 241 22.38 2.73 25.00
CA MET B 241 23.59 3.37 25.50
C MET B 241 24.58 2.35 26.04
N GLU B 242 24.19 1.09 26.07
CA GLU B 242 25.10 0.09 26.61
C GLU B 242 25.54 -0.97 25.62
N GLY B 243 25.21 -0.78 24.35
CA GLY B 243 25.62 -1.73 23.34
C GLY B 243 24.49 -2.53 22.76
N GLY B 244 23.26 -2.10 22.99
CA GLY B 244 22.13 -2.82 22.45
C GLY B 244 21.88 -2.49 20.99
N LEU B 245 21.45 -3.49 20.22
CA LEU B 245 21.15 -3.31 18.81
C LEU B 245 19.90 -4.07 18.47
N LEU B 246 19.25 -3.65 17.39
CA LEU B 246 18.04 -4.28 16.92
C LEU B 246 18.45 -5.61 16.28
N ASP B 247 17.62 -6.63 16.41
CA ASP B 247 17.92 -7.93 15.82
C ASP B 247 17.71 -7.85 14.32
N LYS B 248 18.22 -8.85 13.61
CA LYS B 248 18.01 -8.89 12.19
C LYS B 248 16.55 -9.26 11.95
N PRO B 249 15.79 -8.38 11.28
CA PRO B 249 14.38 -8.64 11.01
C PRO B 249 14.07 -9.88 10.17
N ASP B 250 12.92 -10.47 10.48
CA ASP B 250 12.42 -11.70 9.85
C ASP B 250 13.05 -12.21 8.56
N ASN B 251 12.76 -11.56 7.43
CA ASN B 251 13.33 -12.04 6.18
C ASN B 251 14.13 -10.95 5.49
N CYS B 252 14.92 -10.26 6.31
CA CYS B 252 15.74 -9.17 5.84
C CYS B 252 16.92 -9.67 5.04
N PRO B 253 17.25 -8.99 3.93
CA PRO B 253 18.38 -9.39 3.10
C PRO B 253 19.64 -9.26 3.94
N ASP B 254 20.49 -10.27 3.85
CA ASP B 254 21.72 -10.31 4.61
C ASP B 254 22.64 -9.09 4.38
N MET B 255 22.57 -8.50 3.19
CA MET B 255 23.41 -7.32 2.94
C MET B 255 22.82 -6.09 3.61
N LEU B 256 21.52 -5.91 3.45
CA LEU B 256 20.85 -4.78 4.09
C LEU B 256 21.11 -4.73 5.58
N PHE B 257 21.23 -5.89 6.21
CA PHE B 257 21.49 -5.93 7.65
C PHE B 257 22.96 -5.62 7.88
N GLU B 258 23.82 -6.18 7.02
CA GLU B 258 25.25 -5.93 7.14
C GLU B 258 25.55 -4.44 7.05
N LEU B 259 24.73 -3.73 6.28
CA LEU B 259 24.86 -2.30 6.11
C LEU B 259 24.31 -1.62 7.37
N MET B 260 23.38 -2.31 8.05
CA MET B 260 22.77 -1.83 9.30
C MET B 260 23.80 -1.83 10.42
N ARG B 261 24.45 -2.95 10.67
CA ARG B 261 25.45 -3.01 11.72
C ARG B 261 26.60 -2.04 11.55
N MET B 262 27.01 -1.85 10.32
CA MET B 262 28.09 -0.92 10.05
C MET B 262 27.64 0.42 10.63
N CYS B 263 26.39 0.78 10.35
CA CYS B 263 25.86 2.05 10.81
C CYS B 263 25.69 2.17 12.32
N TRP B 264 25.54 1.03 12.98
CA TRP B 264 25.39 1.05 14.42
C TRP B 264 26.65 0.72 15.20
N GLN B 265 27.82 0.99 14.64
CA GLN B 265 29.06 0.74 15.37
C GLN B 265 28.99 1.65 16.60
N TYR B 266 29.24 1.13 17.79
CA TYR B 266 29.13 1.96 18.96
C TYR B 266 29.93 3.25 18.86
N ASN B 267 31.17 3.13 18.38
CA ASN B 267 32.09 4.24 18.19
C ASN B 267 31.69 5.06 16.95
N PRO B 268 31.30 6.32 17.16
CA PRO B 268 30.91 7.14 16.01
C PRO B 268 31.89 7.11 14.86
N LYS B 269 33.17 7.22 15.18
CA LYS B 269 34.23 7.23 14.18
C LYS B 269 34.44 5.96 13.35
N MET B 270 33.80 4.86 13.68
CA MET B 270 33.97 3.63 12.92
C MET B 270 32.84 3.51 11.94
N ARG B 271 31.87 4.40 12.09
CA ARG B 271 30.70 4.40 11.22
C ARG B 271 31.01 4.96 9.87
N PRO B 272 30.44 4.34 8.82
CA PRO B 272 30.66 4.78 7.46
C PRO B 272 30.07 6.16 7.30
N SER B 273 30.25 6.70 6.11
CA SER B 273 29.74 8.01 5.76
C SER B 273 28.70 7.68 4.74
N PHE B 274 27.77 8.59 4.53
CA PHE B 274 26.76 8.34 3.52
C PHE B 274 27.44 8.08 2.17
N LEU B 275 28.46 8.90 1.86
CA LEU B 275 29.18 8.73 0.61
C LEU B 275 29.69 7.30 0.55
N GLU B 276 30.38 6.90 1.61
CA GLU B 276 30.91 5.55 1.72
C GLU B 276 29.76 4.56 1.58
N ILE B 277 28.60 4.89 2.17
CA ILE B 277 27.44 4.03 2.11
C ILE B 277 27.00 3.83 0.67
N ILE B 278 26.77 4.93 -0.04
CA ILE B 278 26.35 4.87 -1.44
C ILE B 278 27.35 4.04 -2.26
N SER B 279 28.63 4.36 -2.10
CA SER B 279 29.71 3.68 -2.81
C SER B 279 29.61 2.17 -2.69
N SER B 280 29.27 1.67 -1.51
CA SER B 280 29.19 0.23 -1.32
C SER B 280 28.01 -0.41 -2.01
N ILE B 281 27.00 0.39 -2.34
CA ILE B 281 25.83 -0.16 -3.02
C ILE B 281 25.75 0.43 -4.41
N LYS B 282 26.59 1.42 -4.66
CA LYS B 282 26.69 2.10 -5.94
C LYS B 282 26.36 1.24 -7.17
N GLU B 283 26.88 0.02 -7.22
CA GLU B 283 26.62 -0.82 -8.37
C GLU B 283 25.30 -1.58 -8.32
N GLU B 284 24.41 -1.20 -7.41
CA GLU B 284 23.14 -1.90 -7.30
C GLU B 284 21.92 -1.05 -7.56
N MET B 285 22.11 0.25 -7.70
CA MET B 285 20.97 1.10 -7.92
C MET B 285 20.58 1.24 -9.36
N GLU B 286 19.37 1.73 -9.59
CA GLU B 286 18.88 1.87 -10.94
C GLU B 286 19.75 2.82 -11.75
N PRO B 287 20.04 2.46 -13.01
CA PRO B 287 20.86 3.21 -13.95
C PRO B 287 20.72 4.73 -13.92
N GLY B 288 19.54 5.23 -13.60
CA GLY B 288 19.36 6.68 -13.58
C GLY B 288 19.96 7.40 -12.39
N PHE B 289 20.43 6.64 -11.41
CA PHE B 289 20.99 7.23 -10.21
C PHE B 289 22.13 8.17 -10.59
N ARG B 290 22.93 7.74 -11.56
CA ARG B 290 24.09 8.46 -12.08
C ARG B 290 23.77 9.88 -12.52
N GLU B 291 22.68 10.02 -13.25
CA GLU B 291 22.28 11.30 -13.79
C GLU B 291 21.66 12.28 -12.80
N VAL B 292 21.17 11.80 -11.67
CA VAL B 292 20.54 12.72 -10.72
C VAL B 292 21.16 12.82 -9.34
N SER B 293 21.94 11.82 -8.94
CA SER B 293 22.53 11.82 -7.62
C SER B 293 23.62 12.86 -7.40
N PHE B 294 23.77 13.26 -6.15
CA PHE B 294 24.78 14.20 -5.72
C PHE B 294 26.09 13.41 -5.75
N TYR B 295 25.97 12.12 -5.50
CA TYR B 295 27.10 11.24 -5.47
C TYR B 295 27.91 11.40 -6.76
N TYR B 296 27.27 11.20 -7.91
CA TYR B 296 27.94 11.32 -9.18
C TYR B 296 28.19 12.76 -9.68
N SER B 297 27.38 13.71 -9.26
CA SER B 297 27.57 15.08 -9.70
C SER B 297 28.98 15.53 -9.34
N GLU B 298 29.53 16.49 -10.10
CA GLU B 298 30.90 16.97 -9.83
C GLU B 298 30.99 17.66 -8.49
N GLU B 299 29.85 18.16 -8.03
CA GLU B 299 29.75 18.91 -6.77
C GLU B 299 30.32 18.16 -5.58
N ASN B 300 30.54 16.87 -5.77
CA ASN B 300 31.10 15.99 -4.74
C ASN B 300 32.59 15.88 -4.99
N LYS B 301 33.37 16.87 -4.55
CA LYS B 301 34.81 16.80 -4.76
C LYS B 301 35.53 16.77 -3.42
N PRO C 4 17.57 44.01 -6.75
CA PRO C 4 16.45 44.93 -7.08
C PRO C 4 15.07 44.26 -6.91
N ASP C 5 14.03 45.03 -7.29
CA ASP C 5 12.62 44.64 -7.23
C ASP C 5 11.88 45.53 -6.21
N GLU C 6 10.63 45.81 -6.56
CA GLU C 6 9.67 46.66 -5.84
C GLU C 6 9.98 47.38 -4.52
N TRP C 7 10.65 46.74 -3.57
CA TRP C 7 10.92 47.44 -2.31
C TRP C 7 12.37 47.91 -2.14
N GLU C 8 13.17 47.72 -3.18
CA GLU C 8 14.56 48.15 -3.13
C GLU C 8 14.64 49.67 -3.26
N VAL C 9 15.68 50.25 -2.67
CA VAL C 9 15.89 51.68 -2.68
C VAL C 9 17.38 51.98 -2.79
N ALA C 10 17.73 52.84 -3.75
CA ALA C 10 19.13 53.18 -3.96
C ALA C 10 19.70 53.93 -2.78
N ARG C 11 20.78 53.41 -2.20
CA ARG C 11 21.43 54.07 -1.06
C ARG C 11 21.57 55.56 -1.31
N GLU C 12 21.88 55.89 -2.57
CA GLU C 12 22.05 57.28 -2.96
C GLU C 12 20.90 58.09 -2.38
N LYS C 13 19.68 57.57 -2.49
CA LYS C 13 18.50 58.28 -2.00
C LYS C 13 18.36 58.38 -0.46
N ILE C 14 19.22 57.67 0.26
CA ILE C 14 19.22 57.67 1.73
C ILE C 14 20.41 58.48 2.30
N THR C 15 20.20 59.24 3.37
CA THR C 15 21.27 60.03 3.95
C THR C 15 21.79 59.43 5.25
N MET C 16 21.01 59.57 6.33
CA MET C 16 21.35 58.98 7.64
C MET C 16 22.15 59.79 8.67
N SER C 17 21.45 60.70 9.35
CA SER C 17 22.03 61.57 10.37
C SER C 17 22.35 60.85 11.68
N ARG C 18 21.98 61.47 12.80
CA ARG C 18 22.23 60.91 14.12
C ARG C 18 21.63 59.51 14.32
N GLU C 19 22.03 58.85 15.41
CA GLU C 19 21.52 57.52 15.76
C GLU C 19 20.29 57.67 16.63
N LEU C 20 19.50 56.61 16.73
CA LEU C 20 18.31 56.62 17.57
C LEU C 20 18.61 55.67 18.73
N GLY C 21 19.23 54.55 18.41
CA GLY C 21 19.59 53.59 19.43
C GLY C 21 19.91 52.30 18.68
N GLN C 22 20.45 51.31 19.37
CA GLN C 22 20.77 50.05 18.73
C GLN C 22 19.53 49.20 18.61
N GLY C 23 19.36 48.58 17.46
CA GLY C 23 18.21 47.72 17.25
C GLY C 23 18.64 46.28 17.28
N SER C 24 17.68 45.38 17.37
CA SER C 24 17.99 43.97 17.40
C SER C 24 19.12 43.55 16.46
N PHE C 25 19.17 44.12 15.26
CA PHE C 25 20.26 43.71 14.35
C PHE C 25 21.30 44.78 14.05
N GLY C 26 21.28 45.88 14.78
CA GLY C 26 22.27 46.91 14.52
C GLY C 26 21.74 48.30 14.73
N MET C 27 22.65 49.26 14.88
CA MET C 27 22.30 50.66 15.11
C MET C 27 21.15 51.12 14.22
N VAL C 28 20.33 51.99 14.77
CA VAL C 28 19.20 52.56 14.04
C VAL C 28 19.43 54.07 14.09
N TYR C 29 19.18 54.74 12.97
CA TYR C 29 19.37 56.19 12.92
C TYR C 29 18.15 56.80 12.28
N GLU C 30 18.06 58.12 12.41
CA GLU C 30 16.98 58.88 11.80
C GLU C 30 17.67 59.56 10.59
N GLY C 31 17.00 59.63 9.45
CA GLY C 31 17.63 60.25 8.29
C GLY C 31 16.63 60.86 7.34
N VAL C 32 16.95 60.86 6.05
CA VAL C 32 16.07 61.41 5.05
C VAL C 32 16.09 60.54 3.81
N ALA C 33 14.96 60.50 3.12
CA ALA C 33 14.82 59.72 1.88
C ALA C 33 14.33 60.62 0.75
N LYS C 34 14.93 60.48 -0.44
CA LYS C 34 14.52 61.33 -1.58
C LYS C 34 13.44 60.74 -2.52
N GLY C 35 13.20 59.44 -2.45
CA GLY C 35 12.20 58.88 -3.35
C GLY C 35 11.57 57.71 -2.66
N VAL C 36 10.87 57.99 -1.56
CA VAL C 36 10.27 56.91 -0.81
C VAL C 36 8.77 57.00 -0.72
N VAL C 37 8.27 58.21 -0.77
CA VAL C 37 6.84 58.43 -0.67
C VAL C 37 6.28 58.79 -2.06
N LYS C 38 5.09 59.38 -2.09
CA LYS C 38 4.42 59.74 -3.35
C LYS C 38 4.94 61.06 -3.91
N ASP C 39 4.35 62.18 -3.50
CA ASP C 39 4.84 63.47 -4.00
C ASP C 39 5.63 64.15 -2.96
N GLU C 40 6.43 63.39 -2.25
CA GLU C 40 7.22 64.03 -1.25
C GLU C 40 8.69 64.01 -1.59
N PRO C 41 9.16 65.09 -2.25
CA PRO C 41 10.58 65.19 -2.62
C PRO C 41 11.44 64.41 -1.62
N GLU C 42 11.37 64.85 -0.36
CA GLU C 42 12.12 64.19 0.72
C GLU C 42 11.17 63.62 1.77
N THR C 43 11.71 62.77 2.64
CA THR C 43 10.88 62.17 3.67
C THR C 43 11.70 61.69 4.85
N ARG C 44 11.47 62.30 6.01
CA ARG C 44 12.19 61.93 7.23
C ARG C 44 11.95 60.46 7.50
N VAL C 45 13.03 59.72 7.71
CA VAL C 45 12.89 58.29 7.97
C VAL C 45 13.72 57.80 9.16
N ALA C 46 13.49 56.53 9.46
CA ALA C 46 14.21 55.86 10.52
C ALA C 46 14.93 54.79 9.75
N ILE C 47 16.24 54.72 9.92
CA ILE C 47 17.00 53.73 9.19
C ILE C 47 17.45 52.66 10.15
N LYS C 48 17.12 51.42 9.80
CA LYS C 48 17.47 50.26 10.60
C LYS C 48 18.52 49.52 9.81
N THR C 49 19.73 49.49 10.36
CA THR C 49 20.87 48.84 9.72
C THR C 49 21.21 47.50 10.33
N VAL C 50 22.25 46.88 9.78
CA VAL C 50 22.74 45.58 10.24
C VAL C 50 24.25 45.61 10.43
N ASN C 51 24.73 45.29 11.64
CA ASN C 51 26.17 45.29 11.89
C ASN C 51 26.90 44.46 10.84
N GLU C 52 27.86 45.07 10.15
CA GLU C 52 28.64 44.37 9.12
C GLU C 52 29.26 43.14 9.75
N ALA C 53 29.18 43.09 11.08
CA ALA C 53 29.67 41.98 11.87
C ALA C 53 28.74 40.79 11.59
N ALA C 54 27.47 40.98 11.93
CA ALA C 54 26.40 39.98 11.77
C ALA C 54 26.57 38.88 10.73
N SER C 55 26.11 37.68 11.10
CA SER C 55 26.19 36.49 10.23
C SER C 55 25.31 36.62 9.00
N MET C 56 25.64 35.87 7.96
CA MET C 56 24.83 35.95 6.74
C MET C 56 23.46 35.35 7.03
N ARG C 57 23.18 35.08 8.31
CA ARG C 57 21.87 34.53 8.67
C ARG C 57 21.06 35.60 9.38
N GLU C 58 21.63 36.21 10.41
CA GLU C 58 20.88 37.25 11.11
C GLU C 58 20.43 38.28 10.08
N ARG C 59 21.27 38.50 9.08
CA ARG C 59 20.95 39.44 8.03
C ARG C 59 19.84 38.86 7.19
N ILE C 60 19.82 37.55 7.03
CA ILE C 60 18.75 36.97 6.24
C ILE C 60 17.42 37.13 6.96
N GLU C 61 17.43 37.14 8.28
CA GLU C 61 16.17 37.32 8.98
C GLU C 61 15.77 38.79 8.91
N PHE C 62 16.76 39.67 8.96
CA PHE C 62 16.53 41.11 8.90
C PHE C 62 15.64 41.44 7.72
N LEU C 63 16.09 41.05 6.54
CA LEU C 63 15.31 41.32 5.34
C LEU C 63 14.00 40.55 5.40
N ASN C 64 14.04 39.31 5.86
CA ASN C 64 12.79 38.55 5.97
C ASN C 64 11.85 39.16 7.00
N GLU C 65 12.40 39.80 8.03
CA GLU C 65 11.57 40.45 9.01
C GLU C 65 10.87 41.58 8.26
N ALA C 66 11.66 42.39 7.56
CA ALA C 66 11.13 43.50 6.79
C ALA C 66 10.29 43.03 5.60
N SER C 67 10.12 41.72 5.43
CA SER C 67 9.32 41.23 4.32
C SER C 67 7.92 40.91 4.79
N VAL C 68 7.74 40.84 6.11
CA VAL C 68 6.41 40.54 6.62
C VAL C 68 5.76 41.86 6.93
N MET C 69 6.55 42.93 6.93
CA MET C 69 6.02 44.25 7.22
C MET C 69 5.55 44.92 5.94
N LYS C 70 6.11 44.50 4.80
CA LYS C 70 5.73 45.10 3.53
C LYS C 70 4.22 45.14 3.40
N GLU C 71 3.57 44.10 3.91
CA GLU C 71 2.13 43.98 3.78
C GLU C 71 1.21 44.94 4.53
N PHE C 72 1.73 45.74 5.46
CA PHE C 72 0.87 46.65 6.22
C PHE C 72 0.66 48.03 5.61
N ASN C 73 -0.51 48.26 5.01
CA ASN C 73 -0.73 49.58 4.42
C ASN C 73 -1.86 50.30 5.12
N CYS C 74 -1.61 50.78 6.32
CA CYS C 74 -2.64 51.47 7.11
C CYS C 74 -2.08 52.79 7.63
N HIS C 75 -2.86 53.86 7.53
CA HIS C 75 -2.35 55.16 7.96
C HIS C 75 -1.91 55.20 9.40
N HIS C 76 -2.40 54.25 10.20
CA HIS C 76 -2.06 54.22 11.62
C HIS C 76 -1.21 53.03 12.03
N VAL C 77 -0.31 52.65 11.14
CA VAL C 77 0.62 51.56 11.40
C VAL C 77 1.91 51.99 10.74
N VAL C 78 2.95 52.22 11.54
CA VAL C 78 4.22 52.66 10.98
C VAL C 78 4.55 51.86 9.74
N ARG C 79 4.64 52.53 8.58
CA ARG C 79 4.94 51.83 7.35
C ARG C 79 6.40 51.64 7.03
N LEU C 80 6.65 50.58 6.28
CA LEU C 80 7.97 50.27 5.80
C LEU C 80 8.08 50.91 4.42
N LEU C 81 8.89 51.96 4.37
CA LEU C 81 9.15 52.72 3.16
C LEU C 81 9.90 51.90 2.11
N GLY C 82 11.17 51.62 2.35
CA GLY C 82 11.90 50.82 1.38
C GLY C 82 12.99 50.00 2.02
N VAL C 83 13.69 49.22 1.19
CA VAL C 83 14.76 48.37 1.66
C VAL C 83 15.96 48.47 0.75
N VAL C 84 17.14 48.52 1.35
CA VAL C 84 18.38 48.59 0.61
C VAL C 84 19.09 47.27 0.87
N SER C 85 18.89 46.31 -0.02
CA SER C 85 19.48 44.99 0.14
C SER C 85 20.82 44.82 -0.53
N GLN C 86 21.13 45.66 -1.51
CA GLN C 86 22.40 45.54 -2.24
C GLN C 86 23.56 46.27 -1.55
N GLY C 87 24.69 45.59 -1.45
CA GLY C 87 25.83 46.21 -0.82
C GLY C 87 25.60 46.43 0.67
N GLN C 88 26.64 46.85 1.38
CA GLN C 88 26.55 47.06 2.80
C GLN C 88 26.61 48.53 3.19
N PRO C 89 26.05 48.87 4.37
CA PRO C 89 25.39 47.96 5.31
C PRO C 89 23.91 47.79 4.90
N THR C 90 23.34 46.61 5.17
CA THR C 90 21.95 46.35 4.80
C THR C 90 21.04 47.35 5.45
N LEU C 91 20.00 47.76 4.73
CA LEU C 91 19.09 48.75 5.27
C LEU C 91 17.59 48.44 5.21
N VAL C 92 16.83 49.12 6.05
CA VAL C 92 15.38 49.04 6.08
C VAL C 92 14.96 50.46 6.44
N ILE C 93 14.30 51.12 5.49
CA ILE C 93 13.87 52.49 5.69
C ILE C 93 12.43 52.54 6.11
N MET C 94 12.16 53.37 7.12
CA MET C 94 10.82 53.50 7.62
C MET C 94 10.37 54.88 8.01
N GLU C 95 9.08 55.11 7.81
CA GLU C 95 8.47 56.38 8.13
C GLU C 95 8.81 56.78 9.55
N LEU C 96 9.75 57.71 9.68
CA LEU C 96 10.16 58.16 11.00
C LEU C 96 8.97 58.66 11.80
N MET C 97 9.12 58.57 13.12
CA MET C 97 8.13 59.01 14.09
C MET C 97 8.90 59.89 15.06
N THR C 98 9.05 61.14 14.66
CA THR C 98 9.82 62.10 15.45
C THR C 98 9.62 62.13 16.95
N ARG C 99 8.53 61.56 17.45
CA ARG C 99 8.31 61.63 18.89
C ARG C 99 8.50 60.35 19.70
N GLY C 100 8.92 59.29 19.03
CA GLY C 100 9.15 58.05 19.74
C GLY C 100 7.94 57.18 20.05
N ASP C 101 8.10 56.31 21.04
CA ASP C 101 7.04 55.40 21.46
C ASP C 101 6.04 56.17 22.30
N LEU C 102 4.78 55.75 22.27
CA LEU C 102 3.71 56.41 23.00
C LEU C 102 3.98 56.46 24.48
N LYS C 103 4.57 55.40 25.01
CA LYS C 103 4.88 55.36 26.43
C LYS C 103 5.83 56.47 26.82
N SER C 104 7.01 56.48 26.20
CA SER C 104 8.02 57.49 26.46
C SER C 104 7.44 58.89 26.29
N TYR C 105 6.64 59.05 25.23
CA TYR C 105 6.04 60.33 24.95
C TYR C 105 5.11 60.75 26.08
N LEU C 106 4.22 59.86 26.48
CA LEU C 106 3.28 60.14 27.57
C LEU C 106 4.03 60.57 28.83
N ARG C 107 4.95 59.72 29.30
CA ARG C 107 5.71 60.07 30.50
C ARG C 107 6.29 61.46 30.40
N SER C 108 6.46 61.93 29.18
CA SER C 108 7.00 63.26 28.88
C SER C 108 5.97 64.36 29.16
N LEU C 109 4.69 63.98 29.24
CA LEU C 109 3.62 64.94 29.50
C LEU C 109 3.45 65.22 30.97
N ARG C 110 4.10 64.43 31.81
CA ARG C 110 4.01 64.61 33.24
C ARG C 110 4.55 65.97 33.68
N PRO C 111 3.70 66.77 34.37
CA PRO C 111 4.06 68.10 34.86
C PRO C 111 5.03 68.02 36.01
N GLU C 112 6.19 67.43 35.75
CA GLU C 112 7.19 67.26 36.78
C GLU C 112 8.46 67.38 35.99
N MET C 113 8.45 66.60 34.92
CA MET C 113 9.52 66.48 33.96
C MET C 113 9.51 67.55 32.89
N VAL C 118 3.43 70.38 28.53
CA VAL C 118 2.33 71.21 29.01
C VAL C 118 2.39 71.28 30.52
N LEU C 119 1.44 71.99 31.12
CA LEU C 119 1.38 72.07 32.58
C LEU C 119 0.16 71.29 33.07
N ALA C 120 -0.21 70.25 32.30
CA ALA C 120 -1.35 69.40 32.63
C ALA C 120 -1.49 68.26 31.62
N PRO C 121 -2.11 67.14 32.03
CA PRO C 121 -2.28 66.01 31.10
C PRO C 121 -3.27 66.37 29.99
N PRO C 122 -3.29 65.57 28.90
CA PRO C 122 -4.16 65.72 27.74
C PRO C 122 -5.57 66.21 28.01
N SER C 123 -6.40 66.21 26.97
CA SER C 123 -7.76 66.74 27.03
C SER C 123 -8.95 65.78 27.15
N LEU C 124 -9.02 64.82 26.25
CA LEU C 124 -10.11 63.83 26.16
C LEU C 124 -10.40 63.89 24.70
N SER C 125 -10.37 65.13 24.19
CA SER C 125 -10.52 65.33 22.76
C SER C 125 -9.24 64.68 22.24
N LYS C 126 -8.12 65.07 22.85
CA LYS C 126 -6.80 64.56 22.51
C LYS C 126 -6.68 63.08 22.85
N MET C 127 -7.22 62.66 23.98
CA MET C 127 -7.10 61.25 24.33
C MET C 127 -7.95 60.41 23.38
N ILE C 128 -9.19 60.82 23.16
CA ILE C 128 -10.09 60.10 22.27
C ILE C 128 -9.41 59.94 20.92
N GLN C 129 -8.71 60.98 20.50
CA GLN C 129 -8.02 60.97 19.21
C GLN C 129 -7.02 59.83 19.12
N MET C 130 -6.16 59.70 20.14
CA MET C 130 -5.17 58.63 20.14
C MET C 130 -5.88 57.28 20.16
N ALA C 131 -6.91 57.19 20.97
CA ALA C 131 -7.68 55.96 21.08
C ALA C 131 -8.17 55.59 19.69
N GLY C 132 -8.81 56.54 19.03
CA GLY C 132 -9.34 56.29 17.70
C GLY C 132 -8.28 55.80 16.76
N GLU C 133 -7.14 56.47 16.75
CA GLU C 133 -6.04 56.11 15.88
C GLU C 133 -5.46 54.74 16.21
N ILE C 134 -5.34 54.40 17.49
CA ILE C 134 -4.79 53.09 17.85
C ILE C 134 -5.83 52.01 17.55
N ALA C 135 -7.09 52.37 17.75
CA ALA C 135 -8.18 51.43 17.51
C ALA C 135 -8.31 51.25 16.00
N ASP C 136 -8.10 52.32 15.25
CA ASP C 136 -8.17 52.24 13.82
C ASP C 136 -7.07 51.30 13.36
N GLY C 137 -5.85 51.58 13.76
CA GLY C 137 -4.74 50.73 13.37
C GLY C 137 -4.99 49.27 13.70
N MET C 138 -5.50 49.01 14.89
CA MET C 138 -5.78 47.64 15.30
C MET C 138 -6.86 46.98 14.43
N ALA C 139 -7.95 47.71 14.19
CA ALA C 139 -9.04 47.20 13.35
C ALA C 139 -8.50 46.77 11.99
N TYR C 140 -7.63 47.60 11.39
CA TYR C 140 -7.03 47.28 10.10
C TYR C 140 -6.36 45.93 10.22
N LEU C 141 -5.51 45.78 11.24
CA LEU C 141 -4.80 44.53 11.46
C LEU C 141 -5.73 43.32 11.59
N ASN C 142 -6.64 43.31 12.56
CA ASN C 142 -7.53 42.17 12.68
C ASN C 142 -8.19 41.98 11.33
N ALA C 143 -8.57 43.10 10.73
CA ALA C 143 -9.22 43.08 9.43
C ALA C 143 -8.37 42.28 8.46
N ASN C 144 -7.06 42.30 8.68
CA ASN C 144 -6.14 41.57 7.83
C ASN C 144 -5.79 40.21 8.41
N LYS C 145 -6.57 39.76 9.37
CA LYS C 145 -6.33 38.47 10.01
C LYS C 145 -4.96 38.48 10.68
N PHE C 146 -4.67 39.55 11.41
CA PHE C 146 -3.40 39.66 12.12
C PHE C 146 -3.68 40.03 13.57
N VAL C 147 -2.93 39.42 14.47
CA VAL C 147 -3.15 39.70 15.86
C VAL C 147 -1.87 40.10 16.56
N HIS C 148 -1.90 41.31 17.10
CA HIS C 148 -0.77 41.85 17.81
C HIS C 148 -0.89 41.14 19.15
N ARG C 149 0.20 40.64 19.71
CA ARG C 149 0.06 40.00 21.01
C ARG C 149 0.68 40.90 22.07
N ASP C 150 1.21 42.06 21.64
CA ASP C 150 1.84 42.97 22.57
C ASP C 150 1.44 44.43 22.34
N LEU C 151 0.15 44.68 22.22
CA LEU C 151 -0.33 46.05 22.04
C LEU C 151 -0.18 46.81 23.36
N ALA C 152 0.39 48.01 23.31
CA ALA C 152 0.61 48.83 24.50
C ALA C 152 1.40 50.10 24.10
N ALA C 153 1.23 51.18 24.83
CA ALA C 153 1.91 52.42 24.51
C ALA C 153 3.37 52.29 24.09
N ARG C 154 4.11 51.39 24.74
CA ARG C 154 5.51 51.22 24.39
C ARG C 154 5.66 50.65 22.99
N ASN C 155 4.58 50.09 22.45
CA ASN C 155 4.64 49.53 21.11
C ASN C 155 3.80 50.33 20.15
N CYS C 156 3.61 51.58 20.54
CA CYS C 156 2.86 52.55 19.77
C CYS C 156 3.83 53.71 19.62
N MET C 157 3.90 54.31 18.44
CA MET C 157 4.81 55.42 18.24
C MET C 157 4.02 56.67 17.99
N VAL C 158 4.68 57.83 18.03
CA VAL C 158 3.98 59.07 17.81
C VAL C 158 4.66 59.91 16.74
N ALA C 159 3.86 60.49 15.86
CA ALA C 159 4.35 61.33 14.79
C ALA C 159 4.50 62.79 15.21
N GLU C 160 5.24 63.54 14.41
CA GLU C 160 5.50 64.97 14.60
C GLU C 160 4.22 65.76 14.75
N ASP C 161 3.20 65.38 13.98
CA ASP C 161 1.92 66.07 14.07
C ASP C 161 1.09 65.35 15.13
N PHE C 162 1.78 64.66 16.03
CA PHE C 162 1.15 63.93 17.12
C PHE C 162 0.25 62.76 16.75
N THR C 163 0.17 62.41 15.46
CA THR C 163 -0.65 61.28 15.08
C THR C 163 -0.04 60.06 15.75
N VAL C 164 -0.82 59.30 16.50
CA VAL C 164 -0.30 58.12 17.16
C VAL C 164 -0.56 56.91 16.27
N LYS C 165 0.45 56.06 16.10
CA LYS C 165 0.33 54.87 15.28
C LYS C 165 0.92 53.62 15.94
N ILE C 166 0.46 52.47 15.48
CA ILE C 166 0.93 51.20 15.97
C ILE C 166 2.23 51.14 15.22
N GLY C 167 3.29 51.42 15.93
CA GLY C 167 4.58 51.49 15.29
C GLY C 167 5.52 50.33 15.32
N ASP C 168 6.31 50.26 14.26
CA ASP C 168 7.35 49.29 14.06
C ASP C 168 7.40 48.03 14.92
N PHE C 169 6.87 46.95 14.36
CA PHE C 169 6.88 45.64 14.98
C PHE C 169 8.30 45.15 15.11
N GLY C 170 9.26 46.06 15.17
CA GLY C 170 10.64 45.63 15.24
C GLY C 170 11.51 46.43 16.17
N MET C 171 10.88 47.19 17.07
CA MET C 171 11.65 47.96 18.02
C MET C 171 12.32 46.97 18.98
N THR C 172 12.67 47.42 20.17
CA THR C 172 13.32 46.55 21.13
C THR C 172 12.70 46.88 22.47
N ARG C 173 12.96 46.05 23.48
CA ARG C 173 12.42 46.31 24.82
C ARG C 173 12.94 47.64 25.29
N ASP C 174 14.19 47.91 24.98
CA ASP C 174 14.81 49.18 25.32
C ASP C 174 14.84 49.45 26.81
N ILE C 175 14.22 50.55 27.20
CA ILE C 175 14.14 51.01 28.58
C ILE C 175 12.95 50.38 29.33
N TYR C 176 12.29 49.42 28.71
CA TYR C 176 11.10 48.80 29.30
C TYR C 176 11.08 47.29 29.52
N GLU C 177 12.18 46.73 30.00
CA GLU C 177 12.21 45.29 30.21
C GLU C 177 11.27 44.89 31.36
N THR C 178 11.18 45.76 32.36
CA THR C 178 10.32 45.49 33.49
C THR C 178 8.94 45.09 33.01
N ASP C 179 8.55 45.57 31.84
CA ASP C 179 7.24 45.25 31.31
C ASP C 179 7.15 43.84 30.82
N TYR C 180 8.15 43.02 31.11
CA TYR C 180 8.04 41.64 30.67
C TYR C 180 8.40 40.73 31.83
N TYR C 181 7.70 39.60 31.96
CA TYR C 181 7.94 38.68 33.05
C TYR C 181 8.11 37.24 32.62
N ARG C 182 9.04 36.51 33.23
CA ARG C 182 9.17 35.11 32.86
C ARG C 182 8.21 34.25 33.63
N LYS C 183 7.01 34.01 33.11
CA LYS C 183 6.18 33.22 33.98
C LYS C 183 6.34 31.72 33.76
N GLY C 184 7.01 31.07 34.72
CA GLY C 184 7.25 29.63 34.65
C GLY C 184 8.64 29.47 34.11
N GLY C 185 9.36 30.60 34.13
CA GLY C 185 10.72 30.63 33.63
C GLY C 185 10.83 30.30 32.15
N LYS C 186 9.69 30.19 31.45
CA LYS C 186 9.73 29.90 30.04
C LYS C 186 9.08 31.02 29.20
N GLY C 187 9.88 32.03 28.87
CA GLY C 187 9.41 33.10 28.00
C GLY C 187 8.91 34.39 28.63
N LEU C 188 9.46 35.51 28.18
CA LEU C 188 9.10 36.85 28.64
C LEU C 188 7.75 37.22 28.02
N LEU C 189 6.79 37.63 28.83
CA LEU C 189 5.47 38.02 28.33
C LEU C 189 5.03 39.33 28.96
N PRO C 190 4.14 40.06 28.26
CA PRO C 190 3.63 41.34 28.75
C PRO C 190 2.42 41.05 29.63
N VAL C 191 2.66 40.36 30.74
CA VAL C 191 1.60 39.96 31.65
C VAL C 191 0.69 41.07 32.15
N ARG C 192 1.23 42.22 32.52
CA ARG C 192 0.35 43.28 32.99
C ARG C 192 -0.55 43.82 31.87
N TRP C 193 -0.29 43.44 30.63
CA TRP C 193 -1.13 43.91 29.54
C TRP C 193 -1.96 42.78 28.98
N MET C 194 -1.67 41.56 29.41
CA MET C 194 -2.41 40.38 28.93
C MET C 194 -3.81 40.11 29.53
N SER C 195 -4.70 39.61 28.68
CA SER C 195 -6.07 39.29 29.05
C SER C 195 -6.09 38.08 29.95
N PRO C 196 -7.05 38.01 30.90
CA PRO C 196 -7.14 36.87 31.80
C PRO C 196 -7.12 35.50 31.09
N GLU C 197 -7.76 35.41 29.93
CA GLU C 197 -7.76 34.14 29.20
C GLU C 197 -6.35 33.83 28.70
N SER C 198 -5.64 34.88 28.29
CA SER C 198 -4.28 34.72 27.79
C SER C 198 -3.35 34.29 28.88
N LEU C 199 -3.51 34.89 30.06
CA LEU C 199 -2.71 34.54 31.22
C LEU C 199 -2.98 33.08 31.56
N LYS C 200 -4.19 32.65 31.27
CA LYS C 200 -4.60 31.29 31.55
C LYS C 200 -4.19 30.28 30.50
N ASP C 201 -4.77 30.39 29.31
CA ASP C 201 -4.47 29.44 28.24
C ASP C 201 -3.22 29.85 27.45
N GLY C 202 -2.85 31.13 27.51
CA GLY C 202 -1.67 31.57 26.79
C GLY C 202 -1.89 31.58 25.29
N VAL C 203 -3.11 31.86 24.88
CA VAL C 203 -3.48 31.93 23.48
C VAL C 203 -4.12 33.32 23.24
N PHE C 204 -3.55 34.10 22.34
CA PHE C 204 -4.04 35.45 22.07
C PHE C 204 -5.03 35.53 20.94
N THR C 205 -5.96 36.47 21.01
CA THR C 205 -6.98 36.64 19.98
C THR C 205 -7.36 38.10 19.88
N THR C 206 -8.06 38.46 18.80
CA THR C 206 -8.45 39.85 18.60
C THR C 206 -9.15 40.41 19.82
N TYR C 207 -9.85 39.55 20.57
CA TYR C 207 -10.55 40.01 21.76
C TYR C 207 -9.50 40.42 22.78
N SER C 208 -8.52 39.55 23.00
CA SER C 208 -7.48 39.89 23.94
C SER C 208 -6.82 41.19 23.52
N ASP C 209 -6.70 41.41 22.21
CA ASP C 209 -6.09 42.64 21.72
C ASP C 209 -6.87 43.82 22.26
N VAL C 210 -8.18 43.62 22.40
CA VAL C 210 -9.03 44.66 22.90
C VAL C 210 -8.72 44.82 24.37
N TRP C 211 -8.54 43.69 25.06
CA TRP C 211 -8.21 43.74 26.48
C TRP C 211 -7.04 44.70 26.67
N SER C 212 -5.95 44.47 25.94
CA SER C 212 -4.76 45.31 26.00
C SER C 212 -5.07 46.73 25.61
N PHE C 213 -5.92 46.89 24.60
CA PHE C 213 -6.33 48.21 24.15
C PHE C 213 -6.89 48.92 25.37
N GLY C 214 -7.46 48.13 26.26
CA GLY C 214 -8.00 48.69 27.48
C GLY C 214 -6.87 49.19 28.37
N VAL C 215 -5.82 48.40 28.50
CA VAL C 215 -4.74 48.87 29.33
C VAL C 215 -4.11 50.10 28.69
N VAL C 216 -4.04 50.13 27.37
CA VAL C 216 -3.47 51.26 26.66
C VAL C 216 -4.22 52.54 27.01
N LEU C 217 -5.54 52.54 26.91
CA LEU C 217 -6.30 53.74 27.24
C LEU C 217 -6.04 54.10 28.69
N TRP C 218 -5.70 53.09 29.48
CA TRP C 218 -5.42 53.28 30.89
C TRP C 218 -4.12 54.05 31.03
N GLU C 219 -3.14 53.66 30.22
CA GLU C 219 -1.84 54.31 30.20
C GLU C 219 -2.04 55.77 29.78
N ILE C 220 -2.73 55.96 28.67
CA ILE C 220 -3.01 57.29 28.19
C ILE C 220 -3.66 58.14 29.26
N ALA C 221 -4.54 57.54 30.06
CA ALA C 221 -5.24 58.27 31.12
C ALA C 221 -4.38 58.61 32.33
N THR C 222 -3.39 57.78 32.64
CA THR C 222 -2.53 58.04 33.79
C THR C 222 -1.11 58.47 33.41
N LEU C 223 -0.89 58.79 32.13
CA LEU C 223 0.44 59.17 31.65
C LEU C 223 1.45 58.05 31.92
N ALA C 224 1.12 56.88 31.38
CA ALA C 224 1.93 55.68 31.47
C ALA C 224 2.35 55.21 32.85
N GLU C 225 1.45 55.33 33.82
CA GLU C 225 1.72 54.82 35.16
C GLU C 225 1.83 53.34 34.89
N GLN C 226 2.41 52.59 35.82
CA GLN C 226 2.55 51.14 35.64
C GLN C 226 1.27 50.40 36.06
N PRO C 227 0.70 49.57 35.17
CA PRO C 227 -0.53 48.84 35.53
C PRO C 227 -0.29 47.93 36.74
N TYR C 228 -1.20 48.00 37.72
CA TYR C 228 -1.11 47.23 38.96
C TYR C 228 0.18 47.59 39.71
N GLN C 229 0.45 48.88 39.78
CA GLN C 229 1.64 49.40 40.43
C GLN C 229 2.06 48.71 41.74
N GLY C 230 1.16 48.71 42.73
CA GLY C 230 1.46 48.09 44.00
C GLY C 230 1.51 46.56 44.01
N LEU C 231 1.31 45.93 42.86
CA LEU C 231 1.34 44.47 42.78
C LEU C 231 2.60 43.92 42.12
N SER C 232 3.08 42.77 42.59
CA SER C 232 4.26 42.14 41.99
C SER C 232 3.74 41.48 40.72
N ASN C 233 4.64 40.95 39.89
CA ASN C 233 4.19 40.32 38.65
C ASN C 233 3.36 39.09 38.92
N GLU C 234 3.83 38.29 39.88
CA GLU C 234 3.14 37.06 40.24
C GLU C 234 1.77 37.45 40.82
N GLN C 235 1.74 38.54 41.59
CA GLN C 235 0.46 38.97 42.14
C GLN C 235 -0.51 39.39 41.04
N VAL C 236 0.04 39.67 39.86
CA VAL C 236 -0.77 40.11 38.72
C VAL C 236 -1.55 38.97 38.09
N LEU C 237 -0.85 37.93 37.65
CA LEU C 237 -1.49 36.79 37.02
C LEU C 237 -2.69 36.40 37.87
N ARG C 238 -2.43 36.36 39.16
CA ARG C 238 -3.41 36.01 40.17
C ARG C 238 -4.54 37.04 40.14
N PHE C 239 -4.25 38.27 40.53
CA PHE C 239 -5.27 39.32 40.52
C PHE C 239 -6.10 39.34 39.25
N VAL C 240 -5.41 39.40 38.11
CA VAL C 240 -6.08 39.46 36.81
C VAL C 240 -6.96 38.25 36.47
N MET C 241 -6.44 37.04 36.59
CA MET C 241 -7.23 35.85 36.25
C MET C 241 -8.46 35.64 37.15
N GLU C 242 -8.53 36.36 38.26
CA GLU C 242 -9.67 36.24 39.17
C GLU C 242 -10.67 37.36 39.01
N GLY C 243 -10.61 38.09 37.89
CA GLY C 243 -11.56 39.15 37.66
C GLY C 243 -11.19 40.54 38.14
N GLY C 244 -9.98 40.72 38.63
CA GLY C 244 -9.54 42.03 39.12
C GLY C 244 -9.42 43.06 38.01
N LEU C 245 -9.63 44.33 38.32
CA LEU C 245 -9.55 45.40 37.33
C LEU C 245 -8.68 46.55 37.84
N LEU C 246 -8.24 47.39 36.91
CA LEU C 246 -7.43 48.56 37.24
C LEU C 246 -8.44 49.51 37.86
N ASP C 247 -8.00 50.52 38.57
CA ASP C 247 -8.98 51.43 39.14
C ASP C 247 -9.16 52.69 38.33
N LYS C 248 -10.38 53.20 38.29
CA LYS C 248 -10.60 54.42 37.53
C LYS C 248 -9.66 55.51 38.02
N PRO C 249 -8.70 55.94 37.18
CA PRO C 249 -7.70 56.97 37.46
C PRO C 249 -8.23 58.29 37.99
N ASP C 250 -7.54 58.82 38.99
CA ASP C 250 -7.91 60.06 39.65
C ASP C 250 -8.67 61.08 38.79
N ASN C 251 -7.98 61.66 37.81
CA ASN C 251 -8.62 62.65 36.95
C ASN C 251 -8.91 62.08 35.58
N CYS C 252 -9.55 60.92 35.56
CA CYS C 252 -9.89 60.26 34.32
C CYS C 252 -11.33 60.53 33.93
N PRO C 253 -11.59 60.83 32.65
CA PRO C 253 -12.97 61.09 32.25
C PRO C 253 -13.82 59.82 32.33
N ASP C 254 -15.12 59.97 32.52
CA ASP C 254 -16.02 58.83 32.62
C ASP C 254 -16.09 58.03 31.31
N MET C 255 -16.45 58.71 30.21
CA MET C 255 -16.57 58.03 28.92
C MET C 255 -15.40 57.10 28.68
N LEU C 256 -14.21 57.63 28.87
CA LEU C 256 -12.98 56.87 28.68
C LEU C 256 -12.97 55.61 29.52
N PHE C 257 -13.08 55.80 30.83
CA PHE C 257 -13.07 54.69 31.76
C PHE C 257 -14.13 53.67 31.35
N GLU C 258 -15.30 54.16 31.00
CA GLU C 258 -16.38 53.28 30.59
C GLU C 258 -15.92 52.46 29.39
N LEU C 259 -15.03 53.04 28.58
CA LEU C 259 -14.50 52.36 27.39
C LEU C 259 -13.51 51.26 27.82
N MET C 260 -12.80 51.53 28.92
CA MET C 260 -11.85 50.58 29.47
C MET C 260 -12.66 49.38 29.95
N ARG C 261 -13.76 49.71 30.66
CA ARG C 261 -14.61 48.71 31.26
C ARG C 261 -15.15 47.75 30.25
N MET C 262 -15.62 48.31 29.16
CA MET C 262 -16.13 47.52 28.08
C MET C 262 -15.07 46.53 27.60
N CYS C 263 -13.82 46.99 27.52
CA CYS C 263 -12.76 46.15 27.03
C CYS C 263 -12.28 45.11 28.01
N TRP C 264 -12.51 45.37 29.29
CA TRP C 264 -12.08 44.42 30.28
C TRP C 264 -13.11 43.36 30.70
N GLN C 265 -14.10 43.13 29.86
CA GLN C 265 -15.10 42.11 30.16
C GLN C 265 -14.42 40.74 30.25
N TYR C 266 -14.43 40.16 31.45
CA TYR C 266 -13.81 38.86 31.66
C TYR C 266 -14.11 37.91 30.50
N ASN C 267 -15.35 37.92 30.03
CA ASN C 267 -15.72 37.06 28.91
C ASN C 267 -15.34 37.78 27.62
N PRO C 268 -14.24 37.35 26.99
CA PRO C 268 -13.82 37.99 25.75
C PRO C 268 -15.04 38.26 24.91
N LYS C 269 -15.72 37.18 24.54
CA LYS C 269 -16.93 37.27 23.73
C LYS C 269 -17.83 38.45 24.07
N MET C 270 -17.78 38.95 25.30
CA MET C 270 -18.60 40.09 25.65
C MET C 270 -17.89 41.42 25.51
N ARG C 271 -16.68 41.42 24.95
CA ARG C 271 -15.94 42.67 24.78
C ARG C 271 -16.14 43.18 23.38
N PRO C 272 -16.05 44.51 23.19
CA PRO C 272 -16.20 45.18 21.90
C PRO C 272 -15.11 44.85 20.89
N SER C 273 -15.39 45.09 19.62
CA SER C 273 -14.43 44.85 18.54
C SER C 273 -13.87 46.23 18.21
N PHE C 274 -12.65 46.28 17.68
CA PHE C 274 -12.05 47.57 17.38
C PHE C 274 -12.90 48.48 16.50
N LEU C 275 -13.63 47.90 15.55
CA LEU C 275 -14.50 48.69 14.69
C LEU C 275 -15.57 49.32 15.58
N GLU C 276 -16.23 48.48 16.37
CA GLU C 276 -17.29 48.96 17.26
C GLU C 276 -16.74 50.08 18.12
N ILE C 277 -15.54 49.89 18.67
CA ILE C 277 -14.94 50.91 19.51
C ILE C 277 -14.80 52.21 18.73
N ILE C 278 -14.34 52.10 17.48
CA ILE C 278 -14.22 53.29 16.65
C ILE C 278 -15.63 53.86 16.53
N SER C 279 -16.55 53.03 16.05
CA SER C 279 -17.94 53.42 15.86
C SER C 279 -18.55 54.15 17.05
N SER C 280 -18.00 53.87 18.23
CA SER C 280 -18.53 54.49 19.44
C SER C 280 -17.99 55.86 19.70
N ILE C 281 -16.86 56.18 19.09
CA ILE C 281 -16.24 57.49 19.30
C ILE C 281 -16.08 58.26 17.99
N LYS C 282 -16.27 57.56 16.88
CA LYS C 282 -16.15 58.16 15.57
C LYS C 282 -16.46 59.66 15.60
N GLU C 283 -17.73 59.99 15.80
CA GLU C 283 -18.14 61.39 15.81
C GLU C 283 -17.37 62.25 16.80
N GLU C 284 -16.46 61.67 17.56
CA GLU C 284 -15.70 62.44 18.53
C GLU C 284 -14.25 62.68 18.13
N MET C 285 -13.96 62.59 16.83
CA MET C 285 -12.59 62.76 16.35
C MET C 285 -12.34 63.74 15.22
N GLU C 286 -11.27 64.52 15.35
CA GLU C 286 -10.88 65.50 14.34
C GLU C 286 -11.24 65.15 12.89
N PRO C 287 -11.96 66.05 12.22
CA PRO C 287 -12.44 65.97 10.84
C PRO C 287 -11.61 65.20 9.81
N GLY C 288 -10.32 65.00 10.09
CA GLY C 288 -9.51 64.29 9.11
C GLY C 288 -9.62 62.78 9.18
N PHE C 289 -10.02 62.27 10.34
CA PHE C 289 -10.15 60.83 10.54
C PHE C 289 -10.98 60.25 9.43
N ARG C 290 -11.83 61.08 8.86
CA ARG C 290 -12.72 60.66 7.79
C ARG C 290 -12.00 60.34 6.46
N GLU C 291 -10.79 60.85 6.25
CA GLU C 291 -10.13 60.57 4.99
C GLU C 291 -8.92 59.64 5.08
N VAL C 292 -8.42 59.41 6.29
CA VAL C 292 -7.25 58.53 6.46
C VAL C 292 -7.54 57.18 7.09
N SER C 293 -8.46 57.14 8.04
CA SER C 293 -8.81 55.93 8.77
C SER C 293 -9.30 54.76 7.94
N PHE C 294 -8.85 53.57 8.32
CA PHE C 294 -9.27 52.32 7.68
C PHE C 294 -10.75 52.15 7.97
N TYR C 295 -11.21 52.78 9.05
CA TYR C 295 -12.61 52.67 9.43
C TYR C 295 -13.44 53.16 8.24
N TYR C 296 -13.16 54.38 7.77
CA TYR C 296 -13.88 54.96 6.63
C TYR C 296 -13.28 54.51 5.30
N SER C 297 -12.26 53.68 5.33
CA SER C 297 -11.65 53.22 4.10
C SER C 297 -12.70 52.45 3.30
N GLU C 298 -12.42 52.28 2.02
CA GLU C 298 -13.32 51.53 1.15
C GLU C 298 -12.95 50.10 1.44
N GLU C 299 -11.82 49.92 2.10
CA GLU C 299 -11.31 48.61 2.43
C GLU C 299 -12.11 47.82 3.48
N ASN C 300 -12.96 48.50 4.25
CA ASN C 300 -13.75 47.83 5.28
C ASN C 300 -15.11 47.29 4.77
N PRO D 4 -45.65 11.29 30.91
CA PRO D 4 -44.32 11.76 31.38
C PRO D 4 -43.50 10.63 31.98
N ASP D 5 -42.30 10.41 31.45
CA ASP D 5 -41.45 9.32 31.95
C ASP D 5 -40.08 9.76 32.40
N GLU D 6 -39.11 8.85 32.25
CA GLU D 6 -37.73 9.14 32.62
C GLU D 6 -37.23 10.19 31.64
N TRP D 7 -38.01 10.41 30.59
CA TRP D 7 -37.65 11.38 29.57
C TRP D 7 -38.37 12.70 29.74
N GLU D 8 -38.97 12.92 30.89
CA GLU D 8 -39.66 14.19 31.09
C GLU D 8 -38.64 15.15 31.67
N VAL D 9 -38.78 16.42 31.32
CA VAL D 9 -37.84 17.44 31.78
C VAL D 9 -38.54 18.75 32.09
N ALA D 10 -38.39 19.24 33.31
CA ALA D 10 -39.05 20.49 33.69
C ALA D 10 -38.73 21.62 32.75
N ARG D 11 -39.75 22.36 32.33
CA ARG D 11 -39.53 23.51 31.44
C ARG D 11 -38.46 24.39 32.06
N GLU D 12 -38.51 24.53 33.38
CA GLU D 12 -37.60 25.36 34.13
C GLU D 12 -36.16 25.10 33.75
N LYS D 13 -35.87 23.89 33.26
CA LYS D 13 -34.51 23.56 32.89
C LYS D 13 -34.20 23.91 31.41
N ILE D 14 -35.17 24.51 30.72
CA ILE D 14 -35.06 24.88 29.30
C ILE D 14 -35.25 26.39 29.02
N THR D 15 -34.31 27.01 28.31
CA THR D 15 -34.42 28.44 28.08
C THR D 15 -34.97 28.91 26.72
N MET D 16 -34.37 28.48 25.60
CA MET D 16 -34.88 28.84 24.26
C MET D 16 -34.44 30.21 23.70
N SER D 17 -33.30 30.24 23.00
CA SER D 17 -32.79 31.49 22.43
C SER D 17 -33.49 31.89 21.14
N ARG D 18 -32.79 31.79 20.01
CA ARG D 18 -33.37 32.15 18.71
C ARG D 18 -33.79 30.96 17.88
N GLU D 19 -34.59 31.22 16.85
CA GLU D 19 -35.09 30.16 15.97
C GLU D 19 -34.02 29.57 15.09
N LEU D 20 -34.28 28.37 14.58
CA LEU D 20 -33.36 27.68 13.70
C LEU D 20 -34.15 27.39 12.44
N GLY D 21 -35.47 27.48 12.55
CA GLY D 21 -36.32 27.21 11.41
C GLY D 21 -37.63 26.53 11.80
N GLN D 22 -38.49 26.34 10.81
CA GLN D 22 -39.79 25.73 11.04
C GLN D 22 -39.65 24.22 10.93
N GLY D 23 -40.24 23.52 11.89
CA GLY D 23 -40.19 22.06 11.89
C GLY D 23 -41.55 21.51 11.55
N SER D 24 -41.61 20.25 11.14
CA SER D 24 -42.87 19.61 10.75
C SER D 24 -44.01 20.00 11.66
N PHE D 25 -43.79 20.00 12.97
CA PHE D 25 -44.88 20.35 13.89
C PHE D 25 -44.70 21.69 14.56
N GLY D 26 -43.57 22.35 14.30
CA GLY D 26 -43.37 23.64 14.92
C GLY D 26 -41.97 24.20 14.87
N MET D 27 -41.92 25.51 15.10
CA MET D 27 -40.67 26.26 15.11
C MET D 27 -39.68 25.63 16.05
N VAL D 28 -38.52 25.28 15.52
CA VAL D 28 -37.45 24.70 16.33
C VAL D 28 -36.63 25.89 16.79
N TYR D 29 -35.89 25.70 17.86
CA TYR D 29 -35.04 26.75 18.39
C TYR D 29 -33.75 26.13 18.85
N GLU D 30 -32.86 26.97 19.31
CA GLU D 30 -31.59 26.51 19.80
C GLU D 30 -31.63 27.00 21.25
N GLY D 31 -30.95 26.30 22.16
CA GLY D 31 -31.00 26.79 23.53
C GLY D 31 -30.17 25.98 24.51
N VAL D 32 -30.41 26.24 25.78
CA VAL D 32 -29.70 25.54 26.86
C VAL D 32 -30.64 24.74 27.80
N ALA D 33 -30.20 23.57 28.25
CA ALA D 33 -31.00 22.69 29.15
C ALA D 33 -30.13 22.26 30.35
N LYS D 34 -30.54 22.56 31.57
CA LYS D 34 -29.68 22.21 32.67
C LYS D 34 -29.96 20.92 33.40
N GLY D 35 -29.35 19.83 33.01
CA GLY D 35 -29.66 18.62 33.71
C GLY D 35 -30.23 17.58 32.81
N VAL D 36 -29.69 17.56 31.63
CA VAL D 36 -30.13 16.66 30.63
C VAL D 36 -29.02 15.69 30.26
N VAL D 37 -27.84 15.92 30.80
CA VAL D 37 -26.68 15.05 30.51
C VAL D 37 -25.83 14.75 31.75
N LYS D 38 -25.14 13.60 31.74
CA LYS D 38 -24.30 13.17 32.87
C LYS D 38 -23.11 14.09 33.14
N ASP D 39 -22.99 14.55 34.38
CA ASP D 39 -21.90 15.43 34.79
C ASP D 39 -21.78 16.75 33.99
N GLU D 40 -22.88 17.34 33.52
CA GLU D 40 -22.76 18.61 32.76
C GLU D 40 -23.80 19.68 33.08
N PRO D 41 -23.45 20.64 33.97
CA PRO D 41 -24.34 21.74 34.36
C PRO D 41 -25.34 22.15 33.29
N GLU D 42 -24.87 22.92 32.29
CA GLU D 42 -25.74 23.33 31.17
C GLU D 42 -25.46 22.54 29.90
N THR D 43 -26.35 22.70 28.92
CA THR D 43 -26.21 22.00 27.64
C THR D 43 -26.94 22.70 26.50
N ARG D 44 -26.23 22.89 25.40
CA ARG D 44 -26.79 23.53 24.21
C ARG D 44 -27.67 22.52 23.54
N VAL D 45 -28.92 22.88 23.31
CA VAL D 45 -29.86 21.97 22.67
C VAL D 45 -30.71 22.51 21.54
N ALA D 46 -31.24 21.57 20.78
CA ALA D 46 -32.13 21.85 19.70
C ALA D 46 -33.50 21.66 20.35
N ILE D 47 -34.31 22.72 20.36
CA ILE D 47 -35.63 22.64 20.96
C ILE D 47 -36.70 22.59 19.90
N LYS D 48 -37.38 21.46 19.79
CA LYS D 48 -38.45 21.32 18.81
C LYS D 48 -39.78 21.53 19.51
N THR D 49 -40.72 22.19 18.86
CA THR D 49 -42.00 22.45 19.47
C THR D 49 -43.17 22.12 18.56
N VAL D 50 -44.36 22.48 19.01
CA VAL D 50 -45.58 22.24 18.25
C VAL D 50 -46.45 23.48 18.34
N ASN D 51 -46.77 24.03 17.17
CA ASN D 51 -47.61 25.22 17.11
C ASN D 51 -48.82 25.07 18.06
N GLU D 52 -48.91 25.94 19.08
CA GLU D 52 -50.04 25.86 20.02
C GLU D 52 -51.33 25.66 19.23
N ALA D 53 -51.28 26.02 17.94
CA ALA D 53 -52.43 25.83 17.08
C ALA D 53 -52.66 24.33 17.02
N ALA D 54 -51.67 23.60 16.52
CA ALA D 54 -51.75 22.16 16.37
C ALA D 54 -52.82 21.43 17.18
N SER D 55 -53.43 20.44 16.52
CA SER D 55 -54.48 19.60 17.10
C SER D 55 -53.94 18.73 18.23
N MET D 56 -54.84 18.12 19.00
CA MET D 56 -54.39 17.24 20.09
C MET D 56 -53.80 16.00 19.41
N ARG D 57 -54.29 15.71 18.21
CA ARG D 57 -53.82 14.56 17.48
C ARG D 57 -52.37 14.75 17.09
N GLU D 58 -52.10 15.90 16.48
CA GLU D 58 -50.77 16.25 16.00
C GLU D 58 -49.75 16.30 17.12
N ARG D 59 -50.21 16.53 18.34
CA ARG D 59 -49.32 16.54 19.48
C ARG D 59 -48.94 15.11 19.72
N ILE D 60 -49.79 14.21 19.26
CA ILE D 60 -49.56 12.80 19.51
C ILE D 60 -48.98 12.02 18.35
N GLU D 61 -48.06 12.63 17.64
CA GLU D 61 -47.36 11.92 16.57
C GLU D 61 -45.98 12.53 16.70
N PHE D 62 -45.97 13.60 17.49
CA PHE D 62 -44.78 14.34 17.81
C PHE D 62 -44.12 13.51 18.91
N LEU D 63 -44.85 13.31 20.00
CA LEU D 63 -44.36 12.54 21.14
C LEU D 63 -44.22 11.07 20.77
N ASN D 64 -44.97 10.63 19.76
CA ASN D 64 -44.87 9.24 19.33
C ASN D 64 -43.60 9.13 18.54
N GLU D 65 -43.26 10.24 17.89
CA GLU D 65 -42.03 10.29 17.13
C GLU D 65 -40.93 10.32 18.17
N ALA D 66 -41.02 11.30 19.07
CA ALA D 66 -40.05 11.43 20.13
C ALA D 66 -40.02 10.14 20.94
N SER D 67 -40.94 9.23 20.68
CA SER D 67 -40.98 7.99 21.40
C SER D 67 -40.26 6.90 20.64
N VAL D 68 -40.34 6.93 19.31
CA VAL D 68 -39.66 5.88 18.55
C VAL D 68 -38.22 6.28 18.32
N MET D 69 -37.90 7.48 18.75
CA MET D 69 -36.60 8.10 18.56
C MET D 69 -35.84 8.33 19.87
N LYS D 70 -36.23 7.61 20.92
CA LYS D 70 -35.56 7.72 22.21
C LYS D 70 -34.62 6.53 22.27
N GLU D 71 -35.04 5.42 21.69
CA GLU D 71 -34.22 4.22 21.75
C GLU D 71 -32.97 4.20 20.92
N PHE D 72 -32.51 5.36 20.49
CA PHE D 72 -31.27 5.43 19.72
C PHE D 72 -30.23 5.91 20.71
N ASN D 73 -29.22 5.09 20.95
CA ASN D 73 -28.17 5.46 21.87
C ASN D 73 -26.89 5.18 21.15
N CYS D 74 -26.45 6.19 20.40
CA CYS D 74 -25.23 6.04 19.66
C CYS D 74 -24.53 7.37 19.63
N HIS D 75 -23.22 7.35 19.55
CA HIS D 75 -22.54 8.62 19.57
C HIS D 75 -22.64 9.30 18.21
N HIS D 76 -23.08 8.54 17.21
CA HIS D 76 -23.20 9.05 15.85
C HIS D 76 -24.61 9.22 15.30
N VAL D 77 -25.55 9.40 16.22
CA VAL D 77 -26.94 9.64 15.87
C VAL D 77 -27.34 10.72 16.85
N VAL D 78 -27.87 11.83 16.36
CA VAL D 78 -28.23 12.90 17.28
C VAL D 78 -29.12 12.34 18.36
N ARG D 79 -28.77 12.63 19.61
CA ARG D 79 -29.52 12.13 20.75
C ARG D 79 -30.70 12.98 21.17
N LEU D 80 -31.74 12.28 21.60
CA LEU D 80 -32.93 12.92 22.13
C LEU D 80 -32.58 13.04 23.61
N LEU D 81 -32.46 14.28 24.06
CA LEU D 81 -32.12 14.56 25.43
C LEU D 81 -33.30 14.45 26.39
N GLY D 82 -34.47 14.91 25.95
CA GLY D 82 -35.65 14.84 26.79
C GLY D 82 -36.93 15.26 26.08
N VAL D 83 -37.99 15.42 26.86
CA VAL D 83 -39.29 15.83 26.36
C VAL D 83 -40.05 16.59 27.43
N VAL D 84 -40.79 17.60 26.99
CA VAL D 84 -41.58 18.48 27.83
C VAL D 84 -43.05 18.26 27.43
N SER D 85 -43.67 17.24 28.00
CA SER D 85 -45.07 16.91 27.68
C SER D 85 -46.13 17.62 28.54
N GLN D 86 -45.72 18.15 29.69
CA GLN D 86 -46.62 18.84 30.63
C GLN D 86 -46.82 20.32 30.33
N GLY D 87 -48.00 20.67 29.81
CA GLY D 87 -48.28 22.06 29.51
C GLY D 87 -47.91 22.43 28.09
N GLN D 88 -47.94 23.73 27.78
CA GLN D 88 -47.60 24.21 26.45
C GLN D 88 -46.64 25.38 26.47
N PRO D 89 -45.84 25.50 25.40
CA PRO D 89 -45.85 24.56 24.27
C PRO D 89 -45.09 23.24 24.50
N THR D 90 -45.56 22.20 23.83
CA THR D 90 -44.94 20.87 23.93
C THR D 90 -43.54 21.00 23.37
N LEU D 91 -42.59 20.28 23.97
CA LEU D 91 -41.21 20.35 23.54
C LEU D 91 -40.53 19.00 23.46
N VAL D 92 -39.53 18.95 22.59
CA VAL D 92 -38.70 17.78 22.42
C VAL D 92 -37.31 18.37 22.40
N ILE D 93 -36.52 18.02 23.42
CA ILE D 93 -35.17 18.53 23.53
C ILE D 93 -34.17 17.55 22.98
N MET D 94 -33.34 18.03 22.06
CA MET D 94 -32.31 17.19 21.48
C MET D 94 -30.96 17.84 21.54
N GLU D 95 -29.94 17.02 21.33
CA GLU D 95 -28.55 17.42 21.35
C GLU D 95 -28.26 18.35 20.19
N LEU D 96 -27.96 19.60 20.49
CA LEU D 96 -27.66 20.59 19.46
C LEU D 96 -26.36 20.37 18.71
N MET D 97 -26.46 20.44 17.38
CA MET D 97 -25.33 20.32 16.44
C MET D 97 -25.19 21.74 15.87
N THR D 98 -24.26 22.54 16.40
CA THR D 98 -24.10 23.91 15.93
C THR D 98 -23.74 24.15 14.47
N ARG D 99 -23.34 23.11 13.74
CA ARG D 99 -22.99 23.33 12.34
C ARG D 99 -24.02 22.79 11.38
N GLY D 100 -25.27 22.70 11.82
CA GLY D 100 -26.34 22.23 10.96
C GLY D 100 -26.12 20.94 10.20
N ASP D 101 -26.82 20.77 9.08
CA ASP D 101 -26.67 19.55 8.30
C ASP D 101 -25.37 19.45 7.54
N LEU D 102 -24.99 18.22 7.20
CA LEU D 102 -23.73 17.97 6.52
C LEU D 102 -23.70 18.55 5.12
N LYS D 103 -24.86 18.60 4.46
CA LYS D 103 -24.89 19.14 3.12
C LYS D 103 -24.58 20.62 3.16
N SER D 104 -25.28 21.35 4.01
CA SER D 104 -25.04 22.77 4.11
C SER D 104 -23.62 23.07 4.57
N TYR D 105 -23.08 22.20 5.41
CA TYR D 105 -21.72 22.40 5.94
C TYR D 105 -20.71 22.24 4.81
N LEU D 106 -20.86 21.17 4.03
CA LEU D 106 -19.98 20.92 2.92
C LEU D 106 -19.95 22.14 1.98
N ARG D 107 -21.08 22.46 1.38
CA ARG D 107 -21.15 23.61 0.50
C ARG D 107 -20.49 24.82 1.13
N SER D 108 -20.55 24.94 2.45
CA SER D 108 -19.94 26.09 3.12
C SER D 108 -18.42 26.08 3.09
N LEU D 109 -17.84 24.98 2.61
CA LEU D 109 -16.40 24.84 2.56
C LEU D 109 -15.79 25.26 1.23
N ARG D 110 -16.64 25.57 0.29
CA ARG D 110 -16.20 25.95 -1.04
C ARG D 110 -15.65 27.36 -1.10
N PRO D 111 -14.61 27.57 -1.92
CA PRO D 111 -14.06 28.91 -2.02
C PRO D 111 -15.16 29.64 -2.79
N GLU D 112 -15.59 30.75 -2.19
CA GLU D 112 -16.67 31.55 -2.71
C GLU D 112 -17.50 31.61 -1.44
N MET D 113 -18.43 30.68 -1.32
CA MET D 113 -19.32 30.61 -0.16
C MET D 113 -20.47 29.67 -0.53
N LEU D 119 -8.19 29.11 1.06
CA LEU D 119 -8.41 27.80 1.64
C LEU D 119 -8.68 26.78 0.54
N ALA D 120 -9.03 25.56 0.92
CA ALA D 120 -9.31 24.53 -0.06
C ALA D 120 -10.12 23.44 0.60
N PRO D 121 -10.60 22.46 -0.19
CA PRO D 121 -11.39 21.32 0.30
C PRO D 121 -10.83 20.64 1.55
N PRO D 122 -11.54 19.66 2.12
CA PRO D 122 -11.05 18.99 3.33
C PRO D 122 -10.06 17.83 3.07
N SER D 123 -9.11 17.68 4.00
CA SER D 123 -8.07 16.66 3.96
C SER D 123 -8.42 15.33 3.26
N LEU D 124 -8.60 14.30 4.08
CA LEU D 124 -8.93 12.92 3.71
C LEU D 124 -8.81 12.34 5.10
N SER D 125 -7.95 12.97 5.89
CA SER D 125 -7.83 12.59 7.26
C SER D 125 -9.21 13.01 7.76
N LYS D 126 -9.62 14.23 7.41
CA LYS D 126 -10.92 14.76 7.81
C LYS D 126 -12.08 14.13 7.04
N MET D 127 -11.83 13.66 5.84
CA MET D 127 -12.90 13.05 5.09
C MET D 127 -13.23 11.66 5.62
N ILE D 128 -12.26 10.76 5.68
CA ILE D 128 -12.61 9.44 6.17
C ILE D 128 -13.12 9.56 7.59
N GLN D 129 -12.59 10.51 8.35
CA GLN D 129 -13.00 10.70 9.73
C GLN D 129 -14.52 10.86 9.74
N MET D 130 -15.06 11.51 8.71
CA MET D 130 -16.51 11.68 8.58
C MET D 130 -17.12 10.34 8.16
N ALA D 131 -16.56 9.77 7.09
CA ALA D 131 -17.02 8.50 6.56
C ALA D 131 -17.15 7.45 7.65
N GLY D 132 -16.20 7.44 8.57
CA GLY D 132 -16.25 6.45 9.65
C GLY D 132 -17.38 6.76 10.62
N GLU D 133 -17.43 7.99 11.09
CA GLU D 133 -18.45 8.40 12.03
C GLU D 133 -19.87 8.16 11.48
N ILE D 134 -20.06 8.32 10.17
CA ILE D 134 -21.36 8.09 9.55
C ILE D 134 -21.54 6.59 9.42
N ALA D 135 -20.46 5.89 9.07
CA ALA D 135 -20.52 4.44 8.92
C ALA D 135 -20.69 3.80 10.30
N ASP D 136 -20.13 4.43 11.33
CA ASP D 136 -20.27 3.92 12.68
C ASP D 136 -21.75 4.00 12.95
N GLY D 137 -22.25 5.22 13.08
CA GLY D 137 -23.67 5.42 13.33
C GLY D 137 -24.61 4.53 12.51
N MET D 138 -24.26 4.21 11.28
CA MET D 138 -25.14 3.38 10.49
C MET D 138 -25.06 1.93 10.90
N ALA D 139 -23.86 1.51 11.25
CA ALA D 139 -23.67 0.13 11.69
C ALA D 139 -24.56 -0.06 12.93
N TYR D 140 -24.43 0.85 13.90
CA TYR D 140 -25.25 0.80 15.11
C TYR D 140 -26.68 0.56 14.69
N LEU D 141 -27.18 1.45 13.83
CA LEU D 141 -28.55 1.37 13.30
C LEU D 141 -28.96 0.01 12.75
N ASN D 142 -28.16 -0.61 11.89
CA ASN D 142 -28.55 -1.91 11.41
C ASN D 142 -28.42 -2.83 12.61
N ALA D 143 -27.38 -2.60 13.40
CA ALA D 143 -27.16 -3.43 14.58
C ALA D 143 -28.46 -3.49 15.37
N ASN D 144 -29.11 -2.36 15.55
CA ASN D 144 -30.37 -2.34 16.26
C ASN D 144 -31.52 -2.51 15.29
N LYS D 145 -31.31 -3.35 14.28
CA LYS D 145 -32.30 -3.66 13.25
C LYS D 145 -33.16 -2.50 12.78
N PHE D 146 -32.53 -1.51 12.16
CA PHE D 146 -33.21 -0.34 11.63
C PHE D 146 -32.50 0.09 10.35
N VAL D 147 -33.27 0.39 9.32
CA VAL D 147 -32.68 0.82 8.07
C VAL D 147 -33.09 2.25 7.84
N HIS D 148 -32.13 3.06 7.42
CA HIS D 148 -32.39 4.46 7.15
C HIS D 148 -32.76 4.40 5.68
N ARG D 149 -33.86 4.98 5.25
CA ARG D 149 -34.13 4.88 3.83
C ARG D 149 -33.71 6.17 3.13
N ASP D 150 -33.17 7.11 3.90
CA ASP D 150 -32.75 8.41 3.37
C ASP D 150 -31.40 8.90 3.89
N LEU D 151 -30.38 8.06 3.79
CA LEU D 151 -29.05 8.45 4.23
C LEU D 151 -28.40 9.37 3.17
N ALA D 152 -27.98 10.56 3.60
CA ALA D 152 -27.36 11.53 2.71
C ALA D 152 -26.93 12.75 3.53
N ALA D 153 -25.90 13.43 3.07
CA ALA D 153 -25.37 14.60 3.75
C ALA D 153 -26.40 15.50 4.38
N ARG D 154 -27.54 15.63 3.70
CA ARG D 154 -28.60 16.47 4.21
C ARG D 154 -29.21 15.89 5.47
N ASN D 155 -29.23 14.57 5.57
CA ASN D 155 -29.78 13.92 6.73
C ASN D 155 -28.72 13.58 7.76
N CYS D 156 -27.60 14.31 7.71
CA CYS D 156 -26.49 14.16 8.63
C CYS D 156 -26.29 15.52 9.23
N MET D 157 -25.94 15.62 10.50
CA MET D 157 -25.74 16.92 11.11
C MET D 157 -24.29 16.98 11.60
N VAL D 158 -23.79 18.17 11.85
CA VAL D 158 -22.40 18.31 12.28
C VAL D 158 -22.23 19.08 13.58
N ALA D 159 -21.46 18.48 14.46
CA ALA D 159 -21.21 19.05 15.77
C ALA D 159 -20.24 20.22 15.68
N GLU D 160 -20.15 20.98 16.77
CA GLU D 160 -19.24 22.11 16.87
C GLU D 160 -17.82 21.57 16.82
N ASP D 161 -17.61 20.41 17.43
CA ASP D 161 -16.31 19.80 17.43
C ASP D 161 -16.14 19.09 16.10
N PHE D 162 -16.94 19.49 15.13
CA PHE D 162 -16.90 18.90 13.80
C PHE D 162 -17.23 17.42 13.72
N THR D 163 -17.80 16.86 14.77
CA THR D 163 -18.17 15.45 14.72
C THR D 163 -19.42 15.32 13.86
N VAL D 164 -19.44 14.37 12.93
CA VAL D 164 -20.59 14.19 12.04
C VAL D 164 -21.48 13.05 12.52
N LYS D 165 -22.74 13.36 12.77
CA LYS D 165 -23.68 12.36 13.25
C LYS D 165 -24.91 12.22 12.39
N ILE D 166 -25.47 11.02 12.39
CA ILE D 166 -26.67 10.75 11.66
C ILE D 166 -27.73 11.56 12.37
N GLY D 167 -28.15 12.61 11.69
CA GLY D 167 -29.10 13.55 12.26
C GLY D 167 -30.56 13.25 12.48
N ASP D 168 -31.17 14.22 13.13
CA ASP D 168 -32.57 14.25 13.49
C ASP D 168 -33.52 13.73 12.42
N PHE D 169 -34.14 12.60 12.69
CA PHE D 169 -35.10 12.00 11.78
C PHE D 169 -36.38 12.82 11.68
N GLY D 170 -36.45 13.96 12.38
CA GLY D 170 -37.66 14.75 12.33
C GLY D 170 -37.48 16.10 11.65
N MET D 171 -36.38 16.26 10.96
CA MET D 171 -36.07 17.52 10.30
C MET D 171 -36.76 17.67 8.95
N THR D 172 -37.06 18.91 8.57
CA THR D 172 -37.74 19.18 7.32
C THR D 172 -36.93 18.88 6.08
N ARG D 173 -37.41 19.41 4.95
CA ARG D 173 -36.75 19.30 3.65
C ARG D 173 -36.52 20.77 3.40
N ASP D 174 -35.63 21.33 4.18
CA ASP D 174 -35.39 22.74 4.10
C ASP D 174 -35.38 23.32 2.71
N ILE D 175 -34.15 23.46 2.22
CA ILE D 175 -33.82 24.06 0.95
C ILE D 175 -33.52 23.01 -0.08
N TYR D 176 -33.63 21.75 0.32
CA TYR D 176 -33.30 20.64 -0.56
C TYR D 176 -34.39 19.80 -1.22
N GLU D 177 -35.60 20.33 -1.36
CA GLU D 177 -36.65 19.55 -1.98
C GLU D 177 -36.19 18.88 -3.28
N THR D 178 -35.46 19.64 -4.09
CA THR D 178 -34.96 19.14 -5.36
C THR D 178 -34.34 17.78 -5.21
N ASP D 179 -33.96 17.44 -4.00
CA ASP D 179 -33.36 16.13 -3.73
C ASP D 179 -34.38 15.03 -3.79
N TYR D 180 -35.65 15.38 -3.94
CA TYR D 180 -36.70 14.37 -3.99
C TYR D 180 -37.50 14.46 -5.27
N TYR D 181 -37.96 13.31 -5.77
CA TYR D 181 -38.71 13.25 -7.01
C TYR D 181 -39.89 12.27 -6.95
N ARG D 182 -41.04 12.72 -7.43
CA ARG D 182 -42.22 11.86 -7.43
C ARG D 182 -42.12 10.90 -8.62
N LYS D 183 -41.32 9.85 -8.46
CA LYS D 183 -41.08 8.88 -9.49
C LYS D 183 -42.17 8.58 -10.51
N GLY D 184 -43.43 8.47 -10.07
CA GLY D 184 -44.50 8.17 -11.02
C GLY D 184 -45.87 8.37 -10.40
N GLY D 185 -45.94 9.36 -9.51
CA GLY D 185 -47.18 9.67 -8.83
C GLY D 185 -46.95 9.56 -7.34
N LYS D 186 -47.13 8.35 -6.82
CA LYS D 186 -46.96 8.13 -5.40
C LYS D 186 -45.45 8.13 -5.15
N GLY D 187 -44.80 9.23 -5.52
CA GLY D 187 -43.36 9.29 -5.35
C GLY D 187 -42.83 10.13 -4.21
N LEU D 188 -41.93 11.04 -4.57
CA LEU D 188 -41.23 11.93 -3.64
C LEU D 188 -40.25 11.09 -2.85
N LEU D 189 -39.22 10.64 -3.58
CA LEU D 189 -38.12 9.81 -3.10
C LEU D 189 -36.78 10.48 -3.40
N PRO D 190 -35.72 10.08 -2.68
CA PRO D 190 -34.37 10.63 -2.90
C PRO D 190 -33.75 9.72 -3.97
N VAL D 191 -34.28 9.81 -5.19
CA VAL D 191 -33.84 8.97 -6.30
C VAL D 191 -32.38 9.06 -6.68
N ARG D 192 -31.75 10.21 -6.44
CA ARG D 192 -30.34 10.36 -6.77
C ARG D 192 -29.46 9.58 -5.81
N TRP D 193 -30.00 9.21 -4.65
CA TRP D 193 -29.24 8.44 -3.69
C TRP D 193 -29.73 7.00 -3.55
N MET D 194 -30.83 6.69 -4.23
CA MET D 194 -31.40 5.34 -4.16
C MET D 194 -30.66 4.26 -4.97
N SER D 195 -30.54 3.07 -4.40
CA SER D 195 -29.84 1.98 -5.07
C SER D 195 -30.60 1.52 -6.29
N PRO D 196 -29.88 0.84 -7.20
CA PRO D 196 -30.53 0.34 -8.41
C PRO D 196 -31.72 -0.54 -8.06
N GLU D 197 -31.57 -1.40 -7.07
CA GLU D 197 -32.67 -2.28 -6.67
C GLU D 197 -33.84 -1.49 -6.09
N SER D 198 -33.54 -0.49 -5.27
CA SER D 198 -34.56 0.35 -4.66
C SER D 198 -35.37 1.06 -5.73
N LEU D 199 -34.70 1.38 -6.83
CA LEU D 199 -35.33 2.09 -7.92
C LEU D 199 -36.30 1.20 -8.66
N LYS D 200 -35.95 -0.06 -8.78
CA LYS D 200 -36.83 -1.00 -9.47
C LYS D 200 -37.90 -1.61 -8.60
N ASP D 201 -37.49 -2.32 -7.56
CA ASP D 201 -38.45 -2.99 -6.68
C ASP D 201 -38.90 -2.18 -5.47
N GLY D 202 -38.53 -0.91 -5.41
CA GLY D 202 -38.93 -0.09 -4.28
C GLY D 202 -38.76 -0.71 -2.90
N VAL D 203 -37.66 -1.44 -2.70
CA VAL D 203 -37.41 -2.09 -1.41
C VAL D 203 -36.04 -1.75 -0.83
N PHE D 204 -36.03 -1.00 0.26
CA PHE D 204 -34.78 -0.60 0.91
C PHE D 204 -34.23 -1.65 1.87
N THR D 205 -32.91 -1.71 1.99
CA THR D 205 -32.26 -2.68 2.86
C THR D 205 -30.93 -2.11 3.33
N THR D 206 -30.25 -2.79 4.26
CA THR D 206 -28.97 -2.28 4.75
C THR D 206 -28.04 -2.17 3.55
N TYR D 207 -28.20 -3.09 2.59
CA TYR D 207 -27.37 -3.07 1.40
C TYR D 207 -27.60 -1.76 0.66
N SER D 208 -28.87 -1.40 0.51
CA SER D 208 -29.25 -0.18 -0.18
C SER D 208 -28.76 1.05 0.57
N ASP D 209 -28.61 0.93 1.89
CA ASP D 209 -28.14 2.05 2.72
C ASP D 209 -26.66 2.24 2.56
N VAL D 210 -26.00 1.15 2.21
CA VAL D 210 -24.56 1.15 2.01
C VAL D 210 -24.32 1.89 0.70
N TRP D 211 -25.26 1.72 -0.22
CA TRP D 211 -25.19 2.37 -1.52
C TRP D 211 -25.28 3.88 -1.32
N SER D 212 -26.32 4.34 -0.65
CA SER D 212 -26.46 5.75 -0.39
C SER D 212 -25.24 6.25 0.37
N PHE D 213 -24.56 5.33 1.06
CA PHE D 213 -23.36 5.69 1.80
C PHE D 213 -22.32 6.09 0.78
N GLY D 214 -22.23 5.29 -0.28
CA GLY D 214 -21.29 5.57 -1.34
C GLY D 214 -21.56 6.97 -1.88
N VAL D 215 -22.82 7.29 -2.10
CA VAL D 215 -23.16 8.59 -2.60
C VAL D 215 -22.81 9.68 -1.60
N VAL D 216 -22.82 9.35 -0.31
CA VAL D 216 -22.50 10.34 0.71
C VAL D 216 -20.99 10.59 0.72
N LEU D 217 -20.22 9.60 0.31
CA LEU D 217 -18.77 9.78 0.26
C LEU D 217 -18.52 10.80 -0.85
N TRP D 218 -19.11 10.47 -1.99
CA TRP D 218 -19.03 11.28 -3.17
C TRP D 218 -19.35 12.70 -2.75
N GLU D 219 -20.50 12.91 -2.12
CA GLU D 219 -20.89 14.23 -1.65
C GLU D 219 -19.80 14.91 -0.85
N ILE D 220 -19.12 14.15 0.01
CA ILE D 220 -18.06 14.70 0.84
C ILE D 220 -16.89 15.07 -0.05
N ALA D 221 -16.67 14.26 -1.08
CA ALA D 221 -15.58 14.48 -2.02
C ALA D 221 -15.78 15.69 -2.93
N THR D 222 -17.02 16.02 -3.25
CA THR D 222 -17.28 17.16 -4.14
C THR D 222 -17.98 18.31 -3.45
N LEU D 223 -17.74 18.48 -2.16
CA LEU D 223 -18.39 19.53 -1.40
C LEU D 223 -19.88 19.64 -1.68
N ALA D 224 -20.55 18.49 -1.65
CA ALA D 224 -21.99 18.43 -1.84
C ALA D 224 -22.46 18.90 -3.22
N GLU D 225 -21.87 18.32 -4.25
CA GLU D 225 -22.26 18.61 -5.62
C GLU D 225 -23.46 17.69 -5.79
N GLN D 226 -24.39 18.05 -6.67
CA GLN D 226 -25.57 17.22 -6.88
C GLN D 226 -25.25 15.98 -7.74
N PRO D 227 -25.45 14.79 -7.19
CA PRO D 227 -25.17 13.56 -7.95
C PRO D 227 -25.89 13.54 -9.30
N TYR D 228 -25.15 13.25 -10.38
CA TYR D 228 -25.70 13.18 -11.73
C TYR D 228 -26.08 14.50 -12.37
N GLN D 229 -25.65 15.60 -11.76
CA GLN D 229 -25.95 16.96 -12.22
C GLN D 229 -26.44 17.10 -13.67
N GLY D 230 -25.61 16.71 -14.63
CA GLY D 230 -25.99 16.85 -16.02
C GLY D 230 -27.13 15.94 -16.43
N LEU D 231 -27.73 15.30 -15.43
CA LEU D 231 -28.83 14.38 -15.69
C LEU D 231 -30.13 14.86 -15.06
N SER D 232 -31.23 14.42 -15.64
CA SER D 232 -32.52 14.77 -15.11
C SER D 232 -33.00 13.54 -14.33
N ASN D 233 -33.82 13.77 -13.32
CA ASN D 233 -34.35 12.70 -12.50
C ASN D 233 -34.81 11.51 -13.35
N GLU D 234 -35.69 11.78 -14.30
CA GLU D 234 -36.19 10.73 -15.16
C GLU D 234 -35.04 10.04 -15.88
N GLN D 235 -33.84 10.60 -15.79
CA GLN D 235 -32.71 9.98 -16.45
C GLN D 235 -31.88 9.22 -15.43
N VAL D 236 -31.82 9.76 -14.21
CA VAL D 236 -31.08 9.12 -13.15
C VAL D 236 -31.55 7.68 -13.07
N LEU D 237 -32.86 7.49 -12.94
CA LEU D 237 -33.42 6.15 -12.85
C LEU D 237 -32.76 5.27 -13.90
N ARG D 238 -33.09 5.58 -15.15
CA ARG D 238 -32.59 4.90 -16.33
C ARG D 238 -31.08 4.62 -16.24
N PHE D 239 -30.31 5.67 -15.98
CA PHE D 239 -28.86 5.55 -15.87
C PHE D 239 -28.45 4.57 -14.78
N VAL D 240 -28.85 4.90 -13.55
CA VAL D 240 -28.50 4.07 -12.42
C VAL D 240 -29.02 2.65 -12.52
N MET D 241 -30.27 2.47 -12.93
CA MET D 241 -30.83 1.12 -13.04
C MET D 241 -30.03 0.25 -14.01
N GLU D 242 -29.46 0.85 -15.04
CA GLU D 242 -28.68 0.11 -16.04
C GLU D 242 -27.23 -0.12 -15.59
N GLY D 243 -26.92 0.32 -14.38
CA GLY D 243 -25.59 0.12 -13.85
C GLY D 243 -24.61 1.24 -14.05
N GLY D 244 -25.09 2.44 -14.37
CA GLY D 244 -24.19 3.57 -14.58
C GLY D 244 -23.77 4.08 -13.22
N LEU D 245 -22.62 4.73 -13.12
CA LEU D 245 -22.16 5.20 -11.82
C LEU D 245 -21.57 6.58 -11.87
N LEU D 246 -21.55 7.26 -10.72
CA LEU D 246 -20.98 8.58 -10.62
C LEU D 246 -19.54 8.50 -11.14
N ASP D 247 -18.96 9.63 -11.50
CA ASP D 247 -17.59 9.62 -11.97
C ASP D 247 -16.68 10.10 -10.85
N LYS D 248 -15.49 9.50 -10.76
CA LYS D 248 -14.54 9.87 -9.73
C LYS D 248 -14.30 11.38 -9.71
N PRO D 249 -14.59 12.04 -8.58
CA PRO D 249 -14.39 13.48 -8.48
C PRO D 249 -12.95 13.94 -8.74
N ASP D 250 -12.82 15.12 -9.34
CA ASP D 250 -11.54 15.71 -9.72
C ASP D 250 -10.35 15.56 -8.75
N ASN D 251 -10.42 16.26 -7.63
CA ASN D 251 -9.33 16.23 -6.68
C ASN D 251 -9.63 15.24 -5.56
N CYS D 252 -10.14 14.07 -5.97
CA CYS D 252 -10.58 13.00 -5.07
C CYS D 252 -9.67 11.79 -4.88
N PRO D 253 -9.24 11.55 -3.63
CA PRO D 253 -8.36 10.44 -3.28
C PRO D 253 -8.83 9.10 -3.86
N ASP D 254 -7.87 8.27 -4.24
CA ASP D 254 -8.15 6.96 -4.82
C ASP D 254 -8.79 6.02 -3.83
N MET D 255 -8.33 6.07 -2.58
CA MET D 255 -8.86 5.18 -1.55
C MET D 255 -10.35 5.42 -1.34
N LEU D 256 -10.72 6.69 -1.17
CA LEU D 256 -12.11 7.09 -1.02
C LEU D 256 -12.92 6.55 -2.19
N PHE D 257 -12.49 6.89 -3.39
CA PHE D 257 -13.23 6.42 -4.53
C PHE D 257 -13.39 4.90 -4.50
N GLU D 258 -12.35 4.18 -4.09
CA GLU D 258 -12.46 2.73 -4.05
C GLU D 258 -13.59 2.31 -3.08
N LEU D 259 -13.65 2.98 -1.95
CA LEU D 259 -14.67 2.70 -0.96
C LEU D 259 -16.02 2.81 -1.67
N MET D 260 -16.21 3.93 -2.36
CA MET D 260 -17.44 4.18 -3.11
C MET D 260 -17.73 3.07 -4.11
N ARG D 261 -16.70 2.66 -4.83
CA ARG D 261 -16.94 1.63 -5.81
C ARG D 261 -17.39 0.33 -5.16
N MET D 262 -16.85 0.05 -3.97
CA MET D 262 -17.23 -1.15 -3.26
C MET D 262 -18.71 -0.99 -2.99
N CYS D 263 -19.07 0.11 -2.34
CA CYS D 263 -20.46 0.39 -2.01
C CYS D 263 -21.41 0.30 -3.20
N TRP D 264 -20.96 0.71 -4.37
CA TRP D 264 -21.85 0.72 -5.52
C TRP D 264 -22.02 -0.55 -6.34
N GLN D 265 -21.66 -1.69 -5.77
CA GLN D 265 -21.82 -2.94 -6.49
C GLN D 265 -23.28 -3.14 -6.89
N TYR D 266 -23.51 -3.28 -8.19
CA TYR D 266 -24.86 -3.48 -8.69
C TYR D 266 -25.58 -4.53 -7.85
N ASN D 267 -24.94 -5.68 -7.64
CA ASN D 267 -25.50 -6.74 -6.81
C ASN D 267 -25.20 -6.44 -5.32
N PRO D 268 -26.21 -5.97 -4.59
CA PRO D 268 -26.04 -5.63 -3.17
C PRO D 268 -25.27 -6.68 -2.40
N LYS D 269 -25.53 -7.94 -2.72
CA LYS D 269 -24.86 -9.01 -2.02
C LYS D 269 -23.35 -8.94 -2.10
N MET D 270 -22.84 -8.13 -3.01
CA MET D 270 -21.40 -8.04 -3.09
C MET D 270 -20.92 -6.84 -2.27
N ARG D 271 -21.81 -5.90 -2.01
CA ARG D 271 -21.42 -4.71 -1.26
C ARG D 271 -21.03 -5.04 0.14
N PRO D 272 -20.14 -4.23 0.72
CA PRO D 272 -19.70 -4.44 2.09
C PRO D 272 -20.77 -4.01 3.11
N SER D 273 -20.43 -4.09 4.39
CA SER D 273 -21.36 -3.71 5.44
C SER D 273 -20.72 -2.54 6.17
N PHE D 274 -21.51 -1.78 6.91
CA PHE D 274 -20.94 -0.65 7.62
C PHE D 274 -19.87 -1.06 8.64
N LEU D 275 -19.91 -2.32 9.07
CA LEU D 275 -18.89 -2.81 10.02
C LEU D 275 -17.61 -3.02 9.23
N GLU D 276 -17.73 -3.80 8.15
CA GLU D 276 -16.62 -4.07 7.27
C GLU D 276 -16.02 -2.71 6.89
N ILE D 277 -16.85 -1.83 6.33
CA ILE D 277 -16.42 -0.48 5.95
C ILE D 277 -15.57 0.15 7.04
N ILE D 278 -16.14 0.31 8.23
CA ILE D 278 -15.39 0.89 9.32
C ILE D 278 -14.12 0.07 9.54
N SER D 279 -14.27 -1.24 9.57
CA SER D 279 -13.12 -2.11 9.78
C SER D 279 -12.00 -1.76 8.82
N SER D 280 -12.36 -1.49 7.57
CA SER D 280 -11.39 -1.19 6.52
C SER D 280 -10.76 0.18 6.59
N ILE D 281 -10.98 0.91 7.67
CA ILE D 281 -10.40 2.24 7.79
C ILE D 281 -10.16 2.56 9.24
N LYS D 282 -10.55 1.61 10.09
CA LYS D 282 -10.42 1.73 11.53
C LYS D 282 -9.12 2.39 11.95
N GLU D 283 -8.01 1.89 11.42
CA GLU D 283 -6.72 2.42 11.79
C GLU D 283 -6.41 3.80 11.26
N GLU D 284 -7.31 4.36 10.48
CA GLU D 284 -7.05 5.69 9.92
C GLU D 284 -7.90 6.78 10.56
N MET D 285 -8.33 6.59 11.81
CA MET D 285 -9.14 7.62 12.43
C MET D 285 -8.65 8.16 13.76
N GLU D 286 -8.94 9.43 14.01
CA GLU D 286 -8.50 10.05 15.24
C GLU D 286 -8.66 9.02 16.35
N PRO D 287 -7.67 8.97 17.25
CA PRO D 287 -7.60 8.07 18.40
C PRO D 287 -8.82 7.96 19.32
N GLY D 288 -9.71 8.94 19.29
CA GLY D 288 -10.88 8.87 20.16
C GLY D 288 -11.99 7.92 19.73
N PHE D 289 -11.96 7.50 18.47
CA PHE D 289 -12.99 6.61 17.93
C PHE D 289 -13.10 5.38 18.82
N ARG D 290 -11.94 4.87 19.22
CA ARG D 290 -11.82 3.70 20.07
C ARG D 290 -12.62 3.75 21.37
N GLU D 291 -12.93 4.95 21.85
CA GLU D 291 -13.68 5.07 23.09
C GLU D 291 -15.16 5.40 22.89
N VAL D 292 -15.52 5.95 21.74
CA VAL D 292 -16.93 6.32 21.49
C VAL D 292 -17.68 5.52 20.43
N SER D 293 -16.96 4.98 19.47
CA SER D 293 -17.59 4.24 18.38
C SER D 293 -18.40 3.02 18.77
N PHE D 294 -19.53 2.85 18.10
CA PHE D 294 -20.36 1.69 18.34
C PHE D 294 -19.45 0.51 18.02
N TYR D 295 -18.57 0.71 17.05
CA TYR D 295 -17.64 -0.33 16.61
C TYR D 295 -16.83 -0.94 17.76
N TYR D 296 -16.24 -0.08 18.60
CA TYR D 296 -15.44 -0.56 19.73
C TYR D 296 -16.20 -0.57 21.05
N SER D 297 -17.52 -0.76 20.98
CA SER D 297 -18.32 -0.83 22.20
C SER D 297 -18.66 -2.28 22.45
N GLU D 298 -18.83 -2.64 23.72
CA GLU D 298 -19.17 -4.01 24.06
C GLU D 298 -20.44 -4.35 23.27
N GLU D 299 -21.25 -3.32 23.05
CA GLU D 299 -22.51 -3.40 22.34
C GLU D 299 -22.44 -4.07 20.95
N ASN D 300 -21.24 -4.26 20.42
CA ASN D 300 -21.10 -4.94 19.12
C ASN D 300 -20.24 -6.20 19.30
#